data_8JQ1
#
_entry.id   8JQ1
#
loop_
_entity.id
_entity.type
_entity.pdbx_description
1 polymer 'Insulinoma-associated protein 1'
2 non-polymer 'ZINC ION'
#
_entity_poly.entity_id   1
_entity_poly.type   'polypeptide(L)'
_entity_poly.pdbx_seq_one_letter_code
;AGGAARPLGEFICQLCKEEYADPFALAQHKCSRIVRVEYRCPECAKVFSCPANLASHRRWHKPR
;
_entity_poly.pdbx_strand_id   A
#
# COMPACT_ATOMS: atom_id res chain seq x y z
N ALA A 1 28.85 0.38 3.78
CA ALA A 1 28.19 0.69 2.48
C ALA A 1 27.18 -0.42 2.14
N GLY A 2 27.68 -1.59 1.66
CA GLY A 2 26.84 -2.74 1.30
C GLY A 2 27.21 -3.32 -0.05
N GLY A 3 27.29 -2.43 -1.06
CA GLY A 3 27.62 -2.84 -2.44
C GLY A 3 27.01 -1.89 -3.47
N ALA A 4 26.98 -2.31 -4.75
CA ALA A 4 26.42 -1.50 -5.85
C ALA A 4 24.87 -1.47 -5.78
N ALA A 5 24.35 -0.44 -5.10
CA ALA A 5 22.91 -0.25 -4.83
C ALA A 5 22.26 0.65 -5.90
N ARG A 6 21.09 0.22 -6.40
CA ARG A 6 20.25 0.94 -7.38
C ARG A 6 18.88 0.20 -7.48
N PRO A 7 17.77 0.85 -8.01
CA PRO A 7 16.45 0.18 -8.20
C PRO A 7 16.50 -1.13 -9.03
N LEU A 8 16.80 -2.25 -8.34
CA LEU A 8 16.80 -3.62 -8.88
C LEU A 8 16.18 -4.55 -7.83
N GLY A 9 15.01 -5.14 -8.15
CA GLY A 9 14.32 -6.04 -7.21
C GLY A 9 13.40 -5.29 -6.24
N GLU A 10 13.71 -4.01 -5.97
CA GLU A 10 13.00 -3.20 -4.99
C GLU A 10 11.72 -2.59 -5.57
N PHE A 11 10.59 -2.90 -4.91
CA PHE A 11 9.34 -2.20 -5.13
C PHE A 11 9.20 -1.16 -4.01
N ILE A 12 9.02 0.11 -4.43
CA ILE A 12 8.72 1.23 -3.54
C ILE A 12 7.23 1.58 -3.75
N CYS A 13 6.39 1.32 -2.74
CA CYS A 13 4.96 1.69 -2.78
C CYS A 13 4.77 3.21 -2.62
N GLN A 14 3.67 3.72 -3.16
CA GLN A 14 3.30 5.13 -3.06
C GLN A 14 2.53 5.37 -1.74
N LEU A 15 1.55 4.49 -1.46
CA LEU A 15 0.61 4.64 -0.34
C LEU A 15 1.19 4.03 0.97
N CYS A 16 1.51 2.72 0.97
CA CYS A 16 2.09 2.06 2.18
C CYS A 16 3.59 2.41 2.35
N LYS A 17 4.23 2.80 1.22
CA LYS A 17 5.63 3.29 1.16
C LYS A 17 6.69 2.23 1.59
N GLU A 18 6.27 0.95 1.70
CA GLU A 18 7.20 -0.18 1.97
C GLU A 18 8.14 -0.38 0.77
N GLU A 19 9.40 -0.66 1.08
CA GLU A 19 10.49 -0.76 0.12
C GLU A 19 11.37 -1.97 0.48
N TYR A 20 11.47 -2.95 -0.44
CA TYR A 20 12.24 -4.19 -0.21
C TYR A 20 13.06 -4.56 -1.43
N ALA A 21 14.38 -4.66 -1.31
CA ALA A 21 15.27 -5.17 -2.38
C ALA A 21 15.37 -6.71 -2.31
N ASP A 22 15.08 -7.26 -1.12
CA ASP A 22 15.08 -8.72 -0.85
C ASP A 22 13.84 -9.35 -1.52
N PRO A 23 14.01 -10.23 -2.58
CA PRO A 23 12.88 -10.81 -3.35
C PRO A 23 11.89 -11.61 -2.46
N PHE A 24 12.43 -12.20 -1.38
CA PHE A 24 11.67 -12.96 -0.38
C PHE A 24 10.66 -12.05 0.35
N ALA A 25 11.09 -10.81 0.60
CA ALA A 25 10.28 -9.80 1.30
C ALA A 25 9.20 -9.19 0.37
N LEU A 26 9.36 -9.32 -0.96
CA LEU A 26 8.29 -8.93 -1.92
C LEU A 26 7.21 -10.02 -1.94
N ALA A 27 7.63 -11.28 -1.79
CA ALA A 27 6.71 -12.43 -1.68
C ALA A 27 5.95 -12.38 -0.34
N GLN A 28 6.57 -11.74 0.67
CA GLN A 28 5.98 -11.57 2.02
C GLN A 28 5.47 -10.11 2.23
N HIS A 29 5.60 -9.24 1.18
CA HIS A 29 5.15 -7.83 1.24
C HIS A 29 3.66 -7.75 1.61
N LYS A 30 3.40 -7.16 2.77
CA LYS A 30 2.05 -6.96 3.32
C LYS A 30 1.76 -5.45 3.42
N CYS A 31 0.98 -4.87 2.46
CA CYS A 31 0.70 -3.42 2.46
C CYS A 31 -0.24 -3.07 3.62
N SER A 32 0.29 -2.26 4.58
CA SER A 32 -0.42 -1.69 5.72
C SER A 32 0.64 -1.07 6.65
N ARG A 33 0.85 0.25 6.52
CA ARG A 33 1.83 1.00 7.32
C ARG A 33 1.15 2.18 8.00
N ILE A 34 1.10 2.13 9.34
CA ILE A 34 0.82 3.31 10.16
C ILE A 34 2.05 4.23 10.09
N VAL A 35 1.98 5.21 9.19
CA VAL A 35 3.06 6.17 8.90
C VAL A 35 2.56 7.58 9.27
N ARG A 36 2.57 7.85 10.58
CA ARG A 36 2.04 9.11 11.16
C ARG A 36 3.01 10.28 10.88
N VAL A 37 4.21 10.18 11.47
CA VAL A 37 5.27 11.17 11.33
C VAL A 37 6.63 10.49 11.54
N GLU A 38 7.20 9.97 10.44
CA GLU A 38 8.51 9.31 10.42
C GLU A 38 9.28 9.68 9.14
N TYR A 39 10.52 10.18 9.32
CA TYR A 39 11.39 10.65 8.23
C TYR A 39 12.75 9.93 8.29
N ARG A 40 13.04 9.10 7.28
CA ARG A 40 14.34 8.44 7.14
C ARG A 40 15.31 9.39 6.42
N CYS A 41 16.54 9.47 6.93
CA CYS A 41 17.62 10.21 6.27
C CYS A 41 18.55 9.20 5.58
N PRO A 42 19.01 9.43 4.30
CA PRO A 42 19.73 8.41 3.49
C PRO A 42 20.98 7.82 4.18
N GLU A 43 21.82 8.70 4.74
CA GLU A 43 23.11 8.34 5.37
C GLU A 43 22.87 7.96 6.83
N CYS A 44 22.05 8.80 7.49
CA CYS A 44 21.65 8.63 8.90
C CYS A 44 20.33 7.84 8.94
N ALA A 45 20.37 6.60 8.37
CA ALA A 45 19.21 5.70 8.14
C ALA A 45 18.25 5.54 9.35
N LYS A 46 18.74 5.87 10.57
CA LYS A 46 17.90 5.97 11.78
C LYS A 46 16.77 7.01 11.55
N VAL A 47 15.51 6.56 11.74
CA VAL A 47 14.32 7.36 11.44
C VAL A 47 14.01 8.38 12.57
N PHE A 48 13.59 9.59 12.16
CA PHE A 48 13.18 10.68 13.07
C PHE A 48 11.64 10.73 13.15
N SER A 49 11.10 10.68 14.38
CA SER A 49 9.65 10.69 14.64
C SER A 49 9.08 12.13 14.74
N CYS A 50 9.92 13.14 14.43
CA CYS A 50 9.57 14.56 14.55
C CYS A 50 10.00 15.31 13.26
N PRO A 51 9.18 16.30 12.76
CA PRO A 51 9.53 17.10 11.57
C PRO A 51 10.45 18.31 11.87
N ALA A 52 10.39 18.85 13.11
CA ALA A 52 11.09 20.10 13.48
C ALA A 52 12.60 19.87 13.66
N ASN A 53 12.95 18.79 14.40
CA ASN A 53 14.37 18.40 14.60
C ASN A 53 14.98 17.91 13.27
N LEU A 54 14.11 17.37 12.39
CA LEU A 54 14.47 16.91 11.04
C LEU A 54 14.89 18.11 10.18
N ALA A 55 14.18 19.24 10.32
CA ALA A 55 14.48 20.49 9.60
C ALA A 55 15.85 21.07 10.04
N SER A 56 16.10 21.02 11.36
CA SER A 56 17.40 21.42 11.97
C SER A 56 18.53 20.44 11.58
N HIS A 57 18.12 19.18 11.33
CA HIS A 57 19.03 18.09 10.91
C HIS A 57 19.46 18.30 9.43
N ARG A 58 18.56 18.89 8.63
CA ARG A 58 18.86 19.28 7.23
C ARG A 58 19.83 20.47 7.22
N ARG A 59 19.67 21.38 8.21
CA ARG A 59 20.59 22.53 8.43
C ARG A 59 22.01 22.04 8.77
N TRP A 60 22.09 20.89 9.45
CA TRP A 60 23.36 20.19 9.74
C TRP A 60 23.99 19.63 8.43
N HIS A 61 23.15 19.26 7.46
CA HIS A 61 23.60 18.84 6.11
C HIS A 61 23.86 20.03 5.16
N LYS A 62 23.43 21.26 5.54
CA LYS A 62 23.67 22.48 4.72
C LYS A 62 25.10 23.03 4.91
N PRO A 63 25.88 23.25 3.80
CA PRO A 63 27.20 23.92 3.84
C PRO A 63 27.09 25.45 4.09
N ARG A 64 28.23 26.15 4.07
CA ARG A 64 28.31 27.58 4.43
C ARG A 64 28.32 28.45 3.15
N ALA A 1 19.31 8.78 4.40
CA ALA A 1 20.31 9.59 3.64
C ALA A 1 21.39 8.67 3.07
N GLY A 2 21.59 8.73 1.74
CA GLY A 2 22.66 7.95 1.08
C GLY A 2 22.53 7.93 -0.44
N GLY A 3 23.45 7.20 -1.08
CA GLY A 3 23.46 7.00 -2.53
C GLY A 3 23.82 5.57 -2.88
N ALA A 4 23.10 4.61 -2.23
CA ALA A 4 23.36 3.17 -2.37
C ALA A 4 22.97 2.65 -3.78
N ALA A 5 23.76 1.68 -4.28
CA ALA A 5 23.58 1.08 -5.62
C ALA A 5 22.29 0.25 -5.70
N ARG A 6 21.62 0.28 -6.87
CA ARG A 6 20.30 -0.35 -7.06
C ARG A 6 20.42 -1.65 -7.90
N PRO A 7 20.04 -2.82 -7.33
CA PRO A 7 19.78 -4.05 -8.12
C PRO A 7 18.36 -4.00 -8.75
N LEU A 8 18.08 -4.95 -9.65
CA LEU A 8 16.75 -5.09 -10.28
C LEU A 8 15.82 -5.87 -9.33
N GLY A 9 15.44 -5.22 -8.21
CA GLY A 9 14.67 -5.88 -7.16
C GLY A 9 14.07 -4.95 -6.11
N GLU A 10 14.46 -3.64 -6.12
CA GLU A 10 13.89 -2.66 -5.17
C GLU A 10 12.51 -2.19 -5.66
N PHE A 11 11.50 -2.39 -4.80
CA PHE A 11 10.12 -1.95 -5.03
C PHE A 11 9.76 -0.89 -4.00
N ILE A 12 9.19 0.24 -4.49
CA ILE A 12 8.74 1.36 -3.65
C ILE A 12 7.25 1.63 -3.96
N CYS A 13 6.35 1.31 -3.01
CA CYS A 13 4.91 1.65 -3.13
C CYS A 13 4.67 3.01 -2.49
N GLN A 14 3.82 3.85 -3.11
CA GLN A 14 3.40 5.14 -2.52
C GLN A 14 2.22 4.92 -1.54
N LEU A 15 1.65 3.70 -1.57
CA LEU A 15 0.53 3.30 -0.68
C LEU A 15 1.08 2.60 0.59
N CYS A 16 2.08 1.70 0.43
CA CYS A 16 2.72 1.00 1.58
C CYS A 16 3.86 1.85 2.17
N LYS A 17 4.52 2.64 1.28
CA LYS A 17 5.67 3.52 1.62
C LYS A 17 6.82 2.76 2.31
N GLU A 18 7.26 1.67 1.66
CA GLU A 18 8.41 0.85 2.06
C GLU A 18 9.44 0.75 0.91
N GLU A 19 10.60 0.16 1.23
CA GLU A 19 11.68 -0.14 0.27
C GLU A 19 12.14 -1.57 0.54
N TYR A 20 11.97 -2.47 -0.43
CA TYR A 20 12.43 -3.88 -0.32
C TYR A 20 13.20 -4.26 -1.58
N ALA A 21 14.49 -4.61 -1.40
CA ALA A 21 15.39 -4.99 -2.51
C ALA A 21 15.36 -6.52 -2.76
N ASP A 22 15.10 -7.29 -1.70
CA ASP A 22 15.09 -8.77 -1.77
C ASP A 22 13.68 -9.30 -2.12
N PRO A 23 13.57 -10.38 -2.95
CA PRO A 23 12.26 -10.89 -3.45
C PRO A 23 11.40 -11.57 -2.37
N PHE A 24 12.05 -11.97 -1.25
CA PHE A 24 11.39 -12.66 -0.12
C PHE A 24 10.46 -11.68 0.59
N ALA A 25 10.95 -10.45 0.77
CA ALA A 25 10.22 -9.37 1.43
C ALA A 25 8.97 -8.99 0.64
N LEU A 26 9.09 -8.96 -0.70
CA LEU A 26 7.95 -8.71 -1.61
C LEU A 26 6.93 -9.87 -1.54
N ALA A 27 7.44 -11.10 -1.44
CA ALA A 27 6.61 -12.33 -1.41
C ALA A 27 5.68 -12.36 -0.17
N GLN A 28 6.12 -11.72 0.93
CA GLN A 28 5.33 -11.66 2.19
C GLN A 28 4.60 -10.30 2.37
N HIS A 29 5.13 -9.22 1.75
CA HIS A 29 4.54 -7.86 1.88
C HIS A 29 3.21 -7.78 1.09
N LYS A 30 2.19 -7.20 1.73
CA LYS A 30 0.86 -6.97 1.14
C LYS A 30 0.69 -5.46 0.87
N CYS A 31 0.05 -5.12 -0.25
CA CYS A 31 -0.29 -3.72 -0.58
C CYS A 31 -1.64 -3.36 0.07
N SER A 32 -1.64 -2.31 0.90
CA SER A 32 -2.83 -1.82 1.59
C SER A 32 -2.80 -0.29 1.72
N ARG A 33 -4.00 0.33 1.64
CA ARG A 33 -4.19 1.77 1.79
C ARG A 33 -4.42 2.14 3.27
N ILE A 34 -4.45 3.45 3.56
CA ILE A 34 -4.65 3.97 4.94
C ILE A 34 -6.15 4.23 5.18
N VAL A 35 -6.63 3.95 6.41
CA VAL A 35 -8.00 4.27 6.84
C VAL A 35 -8.07 5.78 7.20
N ARG A 36 -9.01 6.49 6.57
CA ARG A 36 -9.17 7.95 6.72
C ARG A 36 -10.00 8.27 7.98
N VAL A 37 -9.94 9.55 8.45
CA VAL A 37 -10.56 10.00 9.72
C VAL A 37 -12.09 9.84 9.73
N GLU A 38 -12.63 9.70 10.95
CA GLU A 38 -14.08 9.51 11.19
C GLU A 38 -14.78 10.86 11.45
N TYR A 39 -16.06 10.94 11.08
CA TYR A 39 -16.89 12.14 11.25
C TYR A 39 -18.20 11.78 11.99
N ARG A 40 -18.53 12.59 13.01
CA ARG A 40 -19.74 12.41 13.83
C ARG A 40 -20.78 13.49 13.47
N CYS A 41 -22.01 13.06 13.21
CA CYS A 41 -23.19 13.94 13.17
C CYS A 41 -23.94 13.79 14.51
N PRO A 42 -23.92 14.83 15.41
CA PRO A 42 -24.54 14.76 16.77
C PRO A 42 -25.99 14.21 16.79
N GLU A 43 -26.76 14.57 15.74
CA GLU A 43 -28.20 14.18 15.61
C GLU A 43 -28.36 12.65 15.48
N CYS A 44 -27.43 12.04 14.74
CA CYS A 44 -27.40 10.58 14.46
C CYS A 44 -25.99 10.08 14.79
N ALA A 45 -25.59 10.27 16.08
CA ALA A 45 -24.18 10.14 16.60
C ALA A 45 -23.38 8.87 16.16
N LYS A 46 -24.03 7.93 15.46
CA LYS A 46 -23.35 6.83 14.73
C LYS A 46 -22.18 7.39 13.87
N VAL A 47 -20.97 7.37 14.45
CA VAL A 47 -19.77 7.98 13.85
C VAL A 47 -19.30 7.15 12.63
N PHE A 48 -19.30 7.78 11.44
CA PHE A 48 -18.93 7.12 10.18
C PHE A 48 -17.43 7.33 9.92
N SER A 49 -16.68 6.23 9.71
CA SER A 49 -15.26 6.30 9.30
C SER A 49 -15.15 6.47 7.77
N CYS A 50 -16.31 6.49 7.09
CA CYS A 50 -16.42 6.76 5.66
C CYS A 50 -16.83 8.24 5.45
N PRO A 51 -15.83 9.16 5.16
CA PRO A 51 -16.10 10.61 4.97
C PRO A 51 -17.04 10.90 3.80
N ALA A 52 -16.97 10.05 2.76
CA ALA A 52 -17.77 10.19 1.54
C ALA A 52 -19.28 9.94 1.81
N ASN A 53 -19.55 8.90 2.61
CA ASN A 53 -20.94 8.50 3.00
C ASN A 53 -21.53 9.49 4.00
N LEU A 54 -20.65 10.09 4.86
CA LEU A 54 -21.07 11.14 5.81
C LEU A 54 -21.38 12.45 5.05
N ALA A 55 -20.62 12.73 3.97
CA ALA A 55 -20.85 13.93 3.13
C ALA A 55 -22.25 13.86 2.46
N SER A 56 -22.60 12.65 1.99
CA SER A 56 -23.97 12.33 1.50
C SER A 56 -25.01 12.53 2.62
N HIS A 57 -24.68 12.02 3.81
CA HIS A 57 -25.54 12.11 5.02
C HIS A 57 -25.88 13.58 5.38
N ARG A 58 -24.88 14.47 5.20
CA ARG A 58 -25.00 15.91 5.50
C ARG A 58 -25.94 16.61 4.50
N ARG A 59 -25.83 16.27 3.19
CA ARG A 59 -26.69 16.88 2.15
C ARG A 59 -28.15 16.36 2.25
N TRP A 60 -28.34 15.21 2.93
CA TRP A 60 -29.68 14.65 3.19
C TRP A 60 -30.39 15.44 4.32
N HIS A 61 -29.59 15.92 5.29
CA HIS A 61 -30.07 16.88 6.32
C HIS A 61 -30.49 18.22 5.68
N LYS A 62 -29.77 18.63 4.62
CA LYS A 62 -30.08 19.84 3.86
C LYS A 62 -31.40 19.69 3.07
N PRO A 63 -32.46 20.53 3.38
CA PRO A 63 -33.70 20.57 2.58
C PRO A 63 -33.42 21.10 1.16
N ARG A 64 -33.93 20.39 0.14
CA ARG A 64 -33.63 20.63 -1.29
C ARG A 64 -33.96 22.08 -1.73
N ALA A 1 31.01 9.01 -10.69
CA ALA A 1 29.56 9.17 -10.94
C ALA A 1 28.88 9.80 -9.71
N GLY A 2 28.73 8.99 -8.64
CA GLY A 2 28.13 9.44 -7.38
C GLY A 2 27.90 8.28 -6.41
N GLY A 3 27.08 7.32 -6.84
CA GLY A 3 26.74 6.14 -6.03
C GLY A 3 26.38 4.92 -6.88
N ALA A 4 26.28 3.75 -6.24
CA ALA A 4 25.98 2.46 -6.90
C ALA A 4 24.47 2.16 -6.86
N ALA A 5 23.65 3.14 -7.28
CA ALA A 5 22.19 2.99 -7.33
C ALA A 5 21.76 2.23 -8.61
N ARG A 6 20.74 1.36 -8.48
CA ARG A 6 20.26 0.50 -9.57
C ARG A 6 18.76 0.19 -9.34
N PRO A 7 17.84 0.58 -10.30
CA PRO A 7 16.37 0.38 -10.14
C PRO A 7 15.92 -1.11 -10.18
N LEU A 8 16.83 -2.03 -10.53
CA LEU A 8 16.55 -3.48 -10.52
C LEU A 8 16.39 -4.00 -9.06
N GLY A 9 15.40 -4.89 -8.84
CA GLY A 9 15.18 -5.53 -7.55
C GLY A 9 14.31 -4.70 -6.60
N GLU A 10 14.69 -3.41 -6.42
CA GLU A 10 13.97 -2.49 -5.54
C GLU A 10 12.60 -2.11 -6.13
N PHE A 11 11.56 -2.37 -5.32
CA PHE A 11 10.20 -1.87 -5.57
C PHE A 11 9.83 -0.91 -4.43
N ILE A 12 9.07 0.15 -4.78
CA ILE A 12 8.58 1.18 -3.86
C ILE A 12 7.05 1.26 -3.97
N CYS A 13 6.34 0.87 -2.90
CA CYS A 13 4.86 1.00 -2.82
C CYS A 13 4.51 2.38 -2.27
N GLN A 14 3.60 3.10 -2.94
CA GLN A 14 3.15 4.44 -2.49
C GLN A 14 2.22 4.32 -1.26
N LEU A 15 1.45 3.21 -1.21
CA LEU A 15 0.46 2.94 -0.15
C LEU A 15 1.15 2.64 1.20
N CYS A 16 2.03 1.62 1.22
CA CYS A 16 2.69 1.16 2.47
C CYS A 16 4.06 1.85 2.68
N LYS A 17 4.52 2.61 1.65
CA LYS A 17 5.88 3.20 1.58
C LYS A 17 6.97 2.09 1.70
N GLU A 18 6.77 1.01 0.94
CA GLU A 18 7.72 -0.12 0.87
C GLU A 18 8.97 0.29 0.11
N GLU A 19 10.09 -0.30 0.50
CA GLU A 19 11.38 -0.16 -0.18
C GLU A 19 12.20 -1.40 0.16
N TYR A 20 12.48 -2.24 -0.84
CA TYR A 20 13.17 -3.55 -0.61
C TYR A 20 14.26 -3.82 -1.65
N ALA A 21 15.04 -4.88 -1.41
CA ALA A 21 16.03 -5.42 -2.36
C ALA A 21 15.76 -6.92 -2.61
N ASP A 22 15.56 -7.67 -1.51
CA ASP A 22 15.37 -9.13 -1.55
C ASP A 22 13.92 -9.49 -1.96
N PRO A 23 13.70 -10.61 -2.74
CA PRO A 23 12.36 -10.97 -3.28
C PRO A 23 11.38 -11.48 -2.19
N PHE A 24 11.92 -11.93 -1.05
CA PHE A 24 11.15 -12.54 0.05
C PHE A 24 10.23 -11.49 0.69
N ALA A 25 10.78 -10.28 0.85
CA ALA A 25 10.06 -9.13 1.44
C ALA A 25 8.92 -8.64 0.52
N LEU A 26 9.08 -8.84 -0.80
CA LEU A 26 8.03 -8.57 -1.80
C LEU A 26 6.89 -9.61 -1.69
N ALA A 27 7.27 -10.86 -1.39
CA ALA A 27 6.32 -11.97 -1.16
C ALA A 27 5.60 -11.79 0.19
N GLN A 28 6.24 -11.04 1.11
CA GLN A 28 5.69 -10.75 2.46
C GLN A 28 4.98 -9.38 2.51
N HIS A 29 5.15 -8.55 1.45
CA HIS A 29 4.45 -7.25 1.31
C HIS A 29 2.93 -7.47 1.31
N LYS A 30 2.27 -6.90 2.33
CA LYS A 30 0.81 -7.01 2.52
C LYS A 30 0.17 -5.62 2.30
N CYS A 31 -0.48 -5.44 1.15
CA CYS A 31 -1.21 -4.21 0.81
C CYS A 31 -2.64 -4.29 1.37
N SER A 32 -3.02 -3.30 2.21
CA SER A 32 -4.37 -3.20 2.76
C SER A 32 -5.37 -2.80 1.65
N ARG A 33 -6.44 -3.60 1.51
CA ARG A 33 -7.48 -3.41 0.48
C ARG A 33 -8.72 -2.74 1.07
N ILE A 34 -9.48 -2.04 0.21
CA ILE A 34 -10.70 -1.26 0.58
C ILE A 34 -11.86 -1.59 -0.38
N VAL A 35 -13.09 -1.52 0.14
CA VAL A 35 -14.32 -1.69 -0.67
C VAL A 35 -15.06 -0.34 -0.72
N ARG A 36 -15.01 0.31 -1.90
CA ARG A 36 -15.68 1.60 -2.17
C ARG A 36 -16.40 1.53 -3.53
N VAL A 37 -16.90 2.69 -4.01
CA VAL A 37 -17.50 2.82 -5.35
C VAL A 37 -16.62 3.78 -6.18
N GLU A 38 -15.83 3.21 -7.12
CA GLU A 38 -14.93 4.00 -7.99
C GLU A 38 -15.49 4.05 -9.43
N TYR A 39 -15.30 5.19 -10.10
CA TYR A 39 -15.72 5.40 -11.49
C TYR A 39 -14.55 5.89 -12.34
N ARG A 40 -14.60 5.62 -13.66
CA ARG A 40 -13.65 6.17 -14.63
C ARG A 40 -14.43 7.03 -15.64
N CYS A 41 -14.15 8.34 -15.67
CA CYS A 41 -14.63 9.22 -16.75
C CYS A 41 -13.71 9.01 -17.97
N PRO A 42 -14.25 8.60 -19.18
CA PRO A 42 -13.40 8.26 -20.37
C PRO A 42 -12.55 9.47 -20.85
N GLU A 43 -13.14 10.67 -20.72
CA GLU A 43 -12.51 11.95 -21.11
C GLU A 43 -11.32 12.31 -20.20
N CYS A 44 -11.37 11.80 -18.96
CA CYS A 44 -10.34 12.02 -17.92
C CYS A 44 -9.97 10.64 -17.36
N ALA A 45 -9.46 9.74 -18.25
CA ALA A 45 -9.28 8.27 -18.01
C ALA A 45 -8.64 7.86 -16.66
N LYS A 46 -8.09 8.83 -15.91
CA LYS A 46 -7.78 8.66 -14.48
C LYS A 46 -9.03 8.15 -13.70
N VAL A 47 -8.82 7.24 -12.73
CA VAL A 47 -9.89 6.72 -11.87
C VAL A 47 -10.21 7.74 -10.75
N PHE A 48 -11.51 7.95 -10.51
CA PHE A 48 -12.04 8.76 -9.42
C PHE A 48 -12.56 7.82 -8.33
N SER A 49 -12.08 8.02 -7.10
CA SER A 49 -12.47 7.21 -5.93
C SER A 49 -13.80 7.73 -5.33
N CYS A 50 -14.07 9.04 -5.56
CA CYS A 50 -15.23 9.75 -5.00
C CYS A 50 -16.44 9.67 -5.97
N PRO A 51 -17.47 8.81 -5.68
CA PRO A 51 -18.60 8.55 -6.60
C PRO A 51 -19.56 9.75 -6.78
N ALA A 52 -19.90 10.42 -5.66
CA ALA A 52 -20.84 11.57 -5.65
C ALA A 52 -20.24 12.81 -6.34
N ASN A 53 -18.90 12.94 -6.22
CA ASN A 53 -18.14 14.05 -6.84
C ASN A 53 -17.93 13.79 -8.34
N LEU A 54 -17.90 12.50 -8.73
CA LEU A 54 -17.81 12.08 -10.13
C LEU A 54 -19.14 12.37 -10.86
N ALA A 55 -20.27 12.22 -10.13
CA ALA A 55 -21.62 12.54 -10.66
C ALA A 55 -21.68 14.02 -11.11
N SER A 56 -21.24 14.91 -10.20
CA SER A 56 -21.14 16.35 -10.45
C SER A 56 -20.16 16.64 -11.63
N HIS A 57 -19.02 15.94 -11.61
CA HIS A 57 -17.94 16.05 -12.61
C HIS A 57 -18.46 15.84 -14.06
N ARG A 58 -19.34 14.82 -14.23
CA ARG A 58 -19.93 14.49 -15.55
C ARG A 58 -20.95 15.57 -15.98
N ARG A 59 -21.66 16.14 -14.98
CA ARG A 59 -22.61 17.25 -15.18
C ARG A 59 -21.89 18.55 -15.58
N TRP A 60 -20.59 18.68 -15.20
CA TRP A 60 -19.74 19.83 -15.59
C TRP A 60 -19.34 19.70 -17.07
N HIS A 61 -19.08 18.46 -17.54
CA HIS A 61 -18.91 18.16 -18.99
C HIS A 61 -20.19 18.48 -19.78
N LYS A 62 -21.34 18.08 -19.18
CA LYS A 62 -22.66 18.22 -19.80
C LYS A 62 -23.05 19.73 -19.94
N PRO A 63 -23.55 20.18 -21.14
CA PRO A 63 -24.01 21.57 -21.35
C PRO A 63 -25.25 21.92 -20.49
N ARG A 64 -25.41 23.23 -20.25
CA ARG A 64 -26.53 23.81 -19.50
C ARG A 64 -27.82 23.71 -20.35
N ALA A 1 31.42 1.34 -3.56
CA ALA A 1 30.88 2.68 -3.27
C ALA A 1 30.12 3.23 -4.50
N GLY A 2 28.91 3.76 -4.27
CA GLY A 2 28.08 4.33 -5.35
C GLY A 2 26.72 3.65 -5.42
N GLY A 3 26.42 2.98 -6.56
CA GLY A 3 25.14 2.29 -6.75
C GLY A 3 25.18 1.35 -7.97
N ALA A 4 26.38 0.85 -8.32
CA ALA A 4 26.61 0.02 -9.51
C ALA A 4 26.31 -1.46 -9.19
N ALA A 5 25.02 -1.76 -9.06
CA ALA A 5 24.53 -3.11 -8.75
C ALA A 5 23.06 -3.22 -9.18
N ARG A 6 22.69 -4.37 -9.78
CA ARG A 6 21.30 -4.66 -10.19
C ARG A 6 20.68 -5.64 -9.18
N PRO A 7 19.85 -5.15 -8.19
CA PRO A 7 19.19 -6.02 -7.18
C PRO A 7 18.20 -7.03 -7.79
N LEU A 8 17.71 -7.95 -6.94
CA LEU A 8 16.73 -8.98 -7.36
C LEU A 8 15.34 -8.34 -7.61
N GLY A 9 15.14 -7.09 -7.11
CA GLY A 9 13.98 -6.28 -7.45
C GLY A 9 13.61 -5.28 -6.37
N GLU A 10 14.00 -3.99 -6.56
CA GLU A 10 13.56 -2.90 -5.69
C GLU A 10 12.13 -2.49 -6.08
N PHE A 11 11.22 -2.61 -5.12
CA PHE A 11 9.84 -2.13 -5.23
C PHE A 11 9.65 -1.01 -4.23
N ILE A 12 9.08 0.12 -4.71
CA ILE A 12 8.59 1.20 -3.85
C ILE A 12 7.07 1.24 -4.02
N CYS A 13 6.33 0.79 -3.00
CA CYS A 13 4.87 0.93 -2.97
C CYS A 13 4.52 2.13 -2.09
N GLN A 14 4.06 3.24 -2.73
CA GLN A 14 3.96 4.57 -2.10
C GLN A 14 2.81 4.71 -1.07
N LEU A 15 1.95 3.68 -0.97
CA LEU A 15 0.85 3.66 0.04
C LEU A 15 1.46 3.38 1.43
N CYS A 16 2.22 2.26 1.55
CA CYS A 16 2.92 1.91 2.81
C CYS A 16 4.32 2.58 2.85
N LYS A 17 4.75 3.14 1.69
CA LYS A 17 6.10 3.70 1.46
C LYS A 17 7.19 2.57 1.58
N GLU A 18 6.76 1.31 1.37
CA GLU A 18 7.62 0.14 1.57
C GLU A 18 8.65 0.04 0.44
N GLU A 19 9.90 -0.27 0.80
CA GLU A 19 11.04 -0.30 -0.13
C GLU A 19 11.98 -1.44 0.25
N TYR A 20 12.12 -2.41 -0.68
CA TYR A 20 13.02 -3.58 -0.50
C TYR A 20 13.57 -4.02 -1.85
N ALA A 21 14.85 -4.40 -1.84
CA ALA A 21 15.55 -4.94 -3.01
C ALA A 21 15.35 -6.47 -3.10
N ASP A 22 14.87 -7.07 -2.00
CA ASP A 22 14.81 -8.53 -1.82
C ASP A 22 13.35 -9.02 -1.99
N PRO A 23 13.08 -9.96 -2.94
CA PRO A 23 11.70 -10.43 -3.25
C PRO A 23 11.13 -11.34 -2.14
N PHE A 24 12.01 -11.77 -1.19
CA PHE A 24 11.62 -12.52 0.01
C PHE A 24 10.71 -11.64 0.87
N ALA A 25 11.17 -10.40 1.05
CA ALA A 25 10.47 -9.38 1.83
C ALA A 25 9.19 -8.92 1.11
N LEU A 26 9.23 -8.88 -0.25
CA LEU A 26 8.05 -8.53 -1.08
C LEU A 26 6.98 -9.64 -1.03
N ALA A 27 7.43 -10.90 -0.98
CA ALA A 27 6.53 -12.08 -0.95
C ALA A 27 5.81 -12.14 0.41
N GLN A 28 6.50 -11.67 1.47
CA GLN A 28 5.95 -11.64 2.85
C GLN A 28 5.15 -10.33 3.10
N HIS A 29 5.49 -9.26 2.33
CA HIS A 29 4.81 -7.96 2.42
C HIS A 29 3.58 -7.94 1.51
N LYS A 30 2.42 -7.72 2.12
CA LYS A 30 1.15 -7.48 1.42
C LYS A 30 0.69 -6.03 1.68
N CYS A 31 0.20 -5.35 0.63
CA CYS A 31 -0.43 -4.03 0.73
C CYS A 31 -1.92 -4.22 1.02
N SER A 32 -2.45 -3.54 2.04
CA SER A 32 -3.85 -3.72 2.49
C SER A 32 -4.83 -2.94 1.57
N ARG A 33 -5.02 -3.46 0.35
CA ARG A 33 -5.90 -2.84 -0.66
C ARG A 33 -7.36 -3.29 -0.44
N ILE A 34 -8.00 -2.70 0.59
CA ILE A 34 -9.40 -2.97 0.91
C ILE A 34 -10.31 -2.12 -0.01
N VAL A 35 -11.11 -2.80 -0.85
CA VAL A 35 -12.04 -2.14 -1.77
C VAL A 35 -13.32 -1.78 -1.00
N ARG A 36 -13.25 -0.63 -0.31
CA ARG A 36 -14.37 -0.05 0.45
C ARG A 36 -15.51 0.38 -0.50
N VAL A 37 -15.11 1.12 -1.55
CA VAL A 37 -16.02 1.68 -2.55
C VAL A 37 -15.21 2.00 -3.83
N GLU A 38 -15.81 1.76 -4.99
CA GLU A 38 -15.19 2.00 -6.30
C GLU A 38 -15.97 3.09 -7.07
N TYR A 39 -15.23 3.90 -7.84
CA TYR A 39 -15.74 5.10 -8.52
C TYR A 39 -15.41 5.04 -10.03
N ARG A 40 -16.43 4.74 -10.84
CA ARG A 40 -16.32 4.70 -12.30
C ARG A 40 -16.63 6.10 -12.88
N CYS A 41 -15.62 6.71 -13.49
CA CYS A 41 -15.77 7.90 -14.31
C CYS A 41 -16.27 7.48 -15.71
N PRO A 42 -17.41 8.05 -16.25
CA PRO A 42 -18.00 7.61 -17.55
C PRO A 42 -17.02 7.77 -18.74
N GLU A 43 -16.26 8.88 -18.73
CA GLU A 43 -15.31 9.24 -19.80
C GLU A 43 -14.11 8.27 -19.82
N CYS A 44 -13.76 7.79 -18.63
CA CYS A 44 -12.57 6.96 -18.37
C CYS A 44 -13.02 5.73 -17.55
N ALA A 45 -13.94 4.91 -18.15
CA ALA A 45 -14.64 3.75 -17.50
C ALA A 45 -13.74 2.83 -16.62
N LYS A 46 -12.40 2.94 -16.79
CA LYS A 46 -11.39 2.38 -15.84
C LYS A 46 -11.73 2.86 -14.42
N VAL A 47 -12.34 1.96 -13.63
CA VAL A 47 -12.86 2.28 -12.30
C VAL A 47 -11.72 2.52 -11.30
N PHE A 48 -11.83 3.60 -10.51
CA PHE A 48 -10.81 3.98 -9.52
C PHE A 48 -11.25 3.48 -8.13
N SER A 49 -10.40 2.70 -7.47
CA SER A 49 -10.66 2.16 -6.12
C SER A 49 -10.24 3.19 -5.05
N CYS A 50 -9.41 4.18 -5.46
CA CYS A 50 -8.91 5.26 -4.60
C CYS A 50 -9.78 6.53 -4.80
N PRO A 51 -10.65 6.90 -3.79
CA PRO A 51 -11.49 8.13 -3.83
C PRO A 51 -10.67 9.44 -3.98
N ALA A 52 -9.45 9.45 -3.39
CA ALA A 52 -8.54 10.63 -3.38
C ALA A 52 -8.12 11.03 -4.80
N ASN A 53 -7.70 10.02 -5.57
CA ASN A 53 -7.25 10.20 -6.96
C ASN A 53 -8.44 10.63 -7.84
N LEU A 54 -9.63 10.06 -7.52
CA LEU A 54 -10.89 10.34 -8.24
C LEU A 54 -11.31 11.81 -8.06
N ALA A 55 -11.15 12.36 -6.84
CA ALA A 55 -11.56 13.76 -6.53
C ALA A 55 -10.77 14.77 -7.40
N SER A 56 -9.44 14.55 -7.44
CA SER A 56 -8.51 15.30 -8.29
C SER A 56 -8.85 15.08 -9.78
N HIS A 57 -9.22 13.84 -10.12
CA HIS A 57 -9.57 13.42 -11.49
C HIS A 57 -10.79 14.20 -12.02
N ARG A 58 -11.78 14.42 -11.13
CA ARG A 58 -13.01 15.15 -11.47
C ARG A 58 -12.69 16.63 -11.78
N ARG A 59 -11.79 17.25 -10.98
CA ARG A 59 -11.39 18.67 -11.19
C ARG A 59 -10.42 18.83 -12.38
N TRP A 60 -9.80 17.72 -12.83
CA TRP A 60 -8.98 17.71 -14.07
C TRP A 60 -9.90 17.84 -15.30
N HIS A 61 -11.10 17.23 -15.20
CA HIS A 61 -12.18 17.41 -16.21
C HIS A 61 -12.76 18.84 -16.15
N LYS A 62 -12.95 19.37 -14.92
CA LYS A 62 -13.54 20.71 -14.70
C LYS A 62 -12.61 21.82 -15.26
N PRO A 63 -13.12 22.72 -16.17
CA PRO A 63 -12.31 23.85 -16.68
C PRO A 63 -12.05 24.89 -15.58
N ARG A 64 -10.77 25.02 -15.20
CA ARG A 64 -10.32 25.94 -14.15
C ARG A 64 -10.53 27.41 -14.58
N ALA A 1 27.76 13.39 5.23
CA ALA A 1 27.36 12.53 6.35
C ALA A 1 26.68 11.25 5.82
N GLY A 2 27.49 10.19 5.62
CA GLY A 2 27.01 8.87 5.19
C GLY A 2 26.35 8.88 3.82
N GLY A 3 25.38 7.96 3.63
CA GLY A 3 24.63 7.85 2.38
C GLY A 3 23.67 6.66 2.40
N ALA A 4 22.74 6.65 1.43
CA ALA A 4 21.72 5.60 1.30
C ALA A 4 21.37 5.43 -0.19
N ALA A 5 21.78 4.28 -0.75
CA ALA A 5 21.55 3.93 -2.17
C ALA A 5 20.43 2.89 -2.30
N ARG A 6 19.65 2.97 -3.40
CA ARG A 6 18.60 2.00 -3.73
C ARG A 6 19.13 1.05 -4.84
N PRO A 7 19.43 -0.25 -4.52
CA PRO A 7 19.96 -1.23 -5.50
C PRO A 7 18.86 -1.78 -6.46
N LEU A 8 19.30 -2.41 -7.58
CA LEU A 8 18.39 -3.13 -8.51
C LEU A 8 17.69 -4.28 -7.75
N GLY A 9 16.36 -4.33 -7.88
CA GLY A 9 15.53 -5.23 -7.08
C GLY A 9 14.58 -4.45 -6.16
N GLU A 10 14.80 -3.11 -6.06
CA GLU A 10 13.94 -2.20 -5.30
C GLU A 10 12.51 -2.18 -5.87
N PHE A 11 11.56 -2.49 -4.99
CA PHE A 11 10.13 -2.22 -5.20
C PHE A 11 9.72 -1.21 -4.15
N ILE A 12 9.30 -0.02 -4.60
CA ILE A 12 8.76 1.02 -3.72
C ILE A 12 7.26 1.17 -4.07
N CYS A 13 6.36 0.67 -3.20
CA CYS A 13 4.90 0.95 -3.33
C CYS A 13 4.52 2.07 -2.37
N GLN A 14 4.20 3.26 -2.93
CA GLN A 14 4.03 4.54 -2.18
C GLN A 14 2.88 4.49 -1.15
N LEU A 15 1.84 3.70 -1.47
CA LEU A 15 0.58 3.66 -0.70
C LEU A 15 0.75 2.95 0.66
N CYS A 16 1.85 2.20 0.82
CA CYS A 16 2.27 1.68 2.15
C CYS A 16 3.76 2.06 2.40
N LYS A 17 4.39 2.72 1.39
CA LYS A 17 5.81 3.14 1.40
C LYS A 17 6.77 1.93 1.64
N GLU A 18 6.38 0.76 1.10
CA GLU A 18 7.18 -0.47 1.22
C GLU A 18 8.36 -0.41 0.27
N GLU A 19 9.57 -0.31 0.83
CA GLU A 19 10.81 -0.26 0.08
C GLU A 19 11.66 -1.49 0.47
N TYR A 20 11.85 -2.40 -0.51
CA TYR A 20 12.56 -3.68 -0.29
C TYR A 20 13.41 -4.01 -1.53
N ALA A 21 14.65 -4.45 -1.30
CA ALA A 21 15.59 -4.85 -2.38
C ALA A 21 15.44 -6.34 -2.72
N ASP A 22 15.13 -7.16 -1.69
CA ASP A 22 15.01 -8.62 -1.83
C ASP A 22 13.55 -9.02 -2.21
N PRO A 23 13.36 -10.08 -3.07
CA PRO A 23 12.01 -10.54 -3.49
C PRO A 23 11.27 -11.35 -2.40
N PHE A 24 11.94 -11.62 -1.26
CA PHE A 24 11.39 -12.45 -0.17
C PHE A 24 10.42 -11.61 0.67
N ALA A 25 10.79 -10.34 0.88
CA ALA A 25 9.97 -9.35 1.61
C ALA A 25 8.78 -8.89 0.72
N LEU A 26 8.99 -8.93 -0.61
CA LEU A 26 7.92 -8.75 -1.60
C LEU A 26 6.92 -9.90 -1.53
N ALA A 27 7.46 -11.13 -1.44
CA ALA A 27 6.67 -12.37 -1.34
C ALA A 27 5.87 -12.41 -0.02
N GLN A 28 6.37 -11.67 0.99
CA GLN A 28 5.70 -11.55 2.30
C GLN A 28 4.66 -10.40 2.30
N HIS A 29 4.88 -9.33 1.50
CA HIS A 29 3.94 -8.19 1.41
C HIS A 29 2.94 -8.43 0.27
N LYS A 30 1.65 -8.56 0.62
CA LYS A 30 0.56 -8.69 -0.36
C LYS A 30 -0.17 -7.34 -0.46
N CYS A 31 0.12 -6.61 -1.54
CA CYS A 31 -0.43 -5.27 -1.77
C CYS A 31 -1.82 -5.39 -2.42
N SER A 32 -2.85 -4.85 -1.75
CA SER A 32 -4.25 -4.89 -2.20
C SER A 32 -4.74 -3.45 -2.50
N ARG A 33 -6.06 -3.24 -2.52
CA ARG A 33 -6.66 -1.89 -2.47
C ARG A 33 -6.38 -1.28 -1.08
N ILE A 34 -6.04 0.03 -1.04
CA ILE A 34 -5.85 0.77 0.22
C ILE A 34 -7.17 0.90 1.01
N VAL A 35 -7.04 1.03 2.34
CA VAL A 35 -8.17 1.27 3.23
C VAL A 35 -8.76 2.67 2.94
N ARG A 36 -10.06 2.68 2.57
CA ARG A 36 -10.80 3.89 2.21
C ARG A 36 -10.89 4.87 3.40
N VAL A 37 -10.85 4.33 4.64
CA VAL A 37 -10.76 5.13 5.87
C VAL A 37 -9.26 5.40 6.14
N GLU A 38 -8.67 6.20 5.24
CA GLU A 38 -7.24 6.54 5.26
C GLU A 38 -7.03 7.86 6.02
N TYR A 39 -5.98 7.92 6.84
CA TYR A 39 -5.60 9.11 7.60
C TYR A 39 -4.16 9.48 7.28
N ARG A 40 -3.95 10.71 6.85
CA ARG A 40 -2.60 11.24 6.56
C ARG A 40 -2.29 12.35 7.55
N CYS A 41 -1.28 12.13 8.40
CA CYS A 41 -0.84 13.12 9.39
C CYS A 41 0.05 14.17 8.67
N PRO A 42 -0.23 15.51 8.81
CA PRO A 42 0.43 16.59 8.00
C PRO A 42 1.99 16.53 8.00
N GLU A 43 2.55 16.43 9.20
CA GLU A 43 4.01 16.41 9.42
C GLU A 43 4.58 14.99 9.18
N CYS A 44 3.89 13.98 9.70
CA CYS A 44 4.22 12.55 9.46
C CYS A 44 3.47 12.07 8.20
N ALA A 45 3.73 12.76 7.05
CA ALA A 45 2.93 12.68 5.78
C ALA A 45 2.75 11.24 5.21
N LYS A 46 3.41 10.25 5.83
CA LYS A 46 3.07 8.83 5.66
C LYS A 46 1.57 8.58 5.97
N VAL A 47 0.89 7.81 5.11
CA VAL A 47 -0.51 7.44 5.29
C VAL A 47 -0.62 6.24 6.27
N PHE A 48 -1.57 6.34 7.18
CA PHE A 48 -1.92 5.28 8.13
C PHE A 48 -3.32 4.74 7.76
N SER A 49 -3.41 3.43 7.58
CA SER A 49 -4.66 2.73 7.26
C SER A 49 -5.41 2.38 8.56
N CYS A 50 -4.64 2.25 9.65
CA CYS A 50 -5.16 1.93 10.98
C CYS A 50 -5.38 3.23 11.78
N PRO A 51 -6.65 3.57 12.16
CA PRO A 51 -6.95 4.73 13.02
C PRO A 51 -6.64 4.49 14.53
N ALA A 52 -6.21 3.24 14.87
CA ALA A 52 -5.94 2.83 16.26
C ALA A 52 -4.79 3.66 16.87
N ASN A 53 -3.64 3.64 16.20
CA ASN A 53 -2.48 4.47 16.58
C ASN A 53 -2.80 5.95 16.35
N LEU A 54 -3.38 6.23 15.17
CA LEU A 54 -3.53 7.61 14.63
C LEU A 54 -4.39 8.52 15.56
N ALA A 55 -5.41 7.95 16.22
CA ALA A 55 -6.26 8.71 17.18
C ALA A 55 -5.42 9.17 18.39
N SER A 56 -4.69 8.19 18.96
CA SER A 56 -3.75 8.39 20.07
C SER A 56 -2.58 9.31 19.67
N HIS A 57 -2.28 9.29 18.37
CA HIS A 57 -1.12 9.96 17.77
C HIS A 57 -1.38 11.47 17.55
N ARG A 58 -2.62 11.84 17.18
CA ARG A 58 -2.98 13.26 16.97
C ARG A 58 -3.20 13.99 18.32
N ARG A 59 -3.75 13.26 19.33
CA ARG A 59 -3.86 13.81 20.71
C ARG A 59 -2.46 13.87 21.39
N TRP A 60 -1.51 13.05 20.87
CA TRP A 60 -0.10 13.07 21.30
C TRP A 60 0.58 14.39 20.86
N HIS A 61 0.35 14.81 19.59
CA HIS A 61 0.87 16.10 19.07
C HIS A 61 0.33 17.29 19.87
N LYS A 62 -0.97 17.23 20.21
CA LYS A 62 -1.62 18.25 21.06
C LYS A 62 -0.96 18.26 22.47
N PRO A 63 -0.33 19.39 22.91
CA PRO A 63 0.30 19.51 24.26
C PRO A 63 -0.69 19.26 25.42
N ARG A 64 -0.82 17.99 25.79
CA ARG A 64 -1.71 17.51 26.87
C ARG A 64 -0.88 16.62 27.83
N ALA A 1 23.07 -8.70 5.31
CA ALA A 1 22.33 -8.62 4.03
C ALA A 1 22.94 -9.59 3.01
N GLY A 2 24.27 -9.48 2.83
CA GLY A 2 25.01 -10.32 1.89
C GLY A 2 25.05 -9.71 0.49
N GLY A 3 23.85 -9.43 -0.06
CA GLY A 3 23.69 -8.89 -1.41
C GLY A 3 23.23 -9.94 -2.41
N ALA A 4 22.76 -9.48 -3.57
CA ALA A 4 22.33 -10.34 -4.70
C ALA A 4 23.05 -9.90 -5.97
N ALA A 5 23.11 -10.79 -6.99
CA ALA A 5 23.77 -10.49 -8.27
C ALA A 5 22.89 -9.51 -9.09
N ARG A 6 23.03 -8.20 -8.75
CA ARG A 6 22.21 -7.09 -9.27
C ARG A 6 20.70 -7.35 -9.00
N PRO A 7 20.16 -6.87 -7.84
CA PRO A 7 18.74 -7.06 -7.49
C PRO A 7 17.80 -6.10 -8.27
N LEU A 8 17.36 -6.53 -9.47
CA LEU A 8 16.34 -5.82 -10.27
C LEU A 8 14.95 -6.30 -9.83
N GLY A 9 14.63 -5.99 -8.57
CA GLY A 9 13.36 -6.38 -7.95
C GLY A 9 12.97 -5.45 -6.82
N GLU A 10 13.63 -4.28 -6.76
CA GLU A 10 13.34 -3.26 -5.74
C GLU A 10 12.07 -2.52 -6.14
N PHE A 11 11.06 -2.60 -5.26
CA PHE A 11 9.82 -1.83 -5.41
C PHE A 11 9.72 -0.87 -4.23
N ILE A 12 9.17 0.33 -4.54
CA ILE A 12 8.73 1.31 -3.58
C ILE A 12 7.21 1.47 -3.78
N CYS A 13 6.40 0.98 -2.84
CA CYS A 13 4.94 1.17 -2.90
C CYS A 13 4.63 2.52 -2.23
N GLN A 14 3.78 3.34 -2.84
CA GLN A 14 3.42 4.66 -2.29
C GLN A 14 2.41 4.53 -1.13
N LEU A 15 1.44 3.61 -1.31
CA LEU A 15 0.34 3.40 -0.35
C LEU A 15 0.79 2.58 0.86
N CYS A 16 1.71 1.62 0.65
CA CYS A 16 2.17 0.73 1.72
C CYS A 16 3.54 1.20 2.30
N LYS A 17 4.34 1.88 1.45
CA LYS A 17 5.64 2.51 1.83
C LYS A 17 6.74 1.48 2.23
N GLU A 18 7.03 0.52 1.32
CA GLU A 18 8.22 -0.35 1.45
C GLU A 18 9.33 0.12 0.50
N GLU A 19 10.51 -0.46 0.71
CA GLU A 19 11.66 -0.41 -0.19
C GLU A 19 12.49 -1.66 0.11
N TYR A 20 12.59 -2.59 -0.85
CA TYR A 20 13.33 -3.89 -0.60
C TYR A 20 14.03 -4.40 -1.85
N ALA A 21 15.27 -4.88 -1.66
CA ALA A 21 16.00 -5.69 -2.65
C ALA A 21 15.72 -7.19 -2.43
N ASP A 22 15.23 -7.51 -1.21
CA ASP A 22 14.95 -8.88 -0.78
C ASP A 22 13.65 -9.41 -1.41
N PRO A 23 13.72 -10.40 -2.38
CA PRO A 23 12.52 -10.89 -3.12
C PRO A 23 11.46 -11.51 -2.18
N PHE A 24 11.94 -12.02 -1.04
CA PHE A 24 11.10 -12.60 0.03
C PHE A 24 10.18 -11.52 0.63
N ALA A 25 10.75 -10.33 0.83
CA ALA A 25 10.06 -9.19 1.46
C ALA A 25 9.07 -8.52 0.48
N LEU A 26 9.34 -8.63 -0.84
CA LEU A 26 8.37 -8.19 -1.87
C LEU A 26 7.15 -9.13 -1.90
N ALA A 27 7.41 -10.44 -1.68
CA ALA A 27 6.35 -11.46 -1.59
C ALA A 27 5.57 -11.33 -0.27
N GLN A 28 6.26 -10.81 0.77
CA GLN A 28 5.66 -10.60 2.12
C GLN A 28 4.83 -9.30 2.14
N HIS A 29 5.17 -8.36 1.23
CA HIS A 29 4.45 -7.07 1.06
C HIS A 29 2.96 -7.30 0.72
N LYS A 30 2.10 -6.59 1.48
CA LYS A 30 0.64 -6.54 1.27
C LYS A 30 0.24 -5.11 0.80
N CYS A 31 -0.74 -5.00 -0.11
CA CYS A 31 -1.25 -3.68 -0.56
C CYS A 31 -2.40 -3.17 0.32
N SER A 32 -2.20 -1.98 0.89
CA SER A 32 -3.25 -1.19 1.53
C SER A 32 -3.79 -0.16 0.52
N ARG A 33 -4.90 -0.50 -0.15
CA ARG A 33 -5.55 0.37 -1.14
C ARG A 33 -6.87 0.92 -0.57
N ILE A 34 -7.05 2.25 -0.65
CA ILE A 34 -8.32 2.91 -0.31
C ILE A 34 -9.41 2.44 -1.29
N VAL A 35 -10.36 1.65 -0.76
CA VAL A 35 -11.50 1.16 -1.55
C VAL A 35 -12.56 2.28 -1.60
N ARG A 36 -12.45 3.14 -2.62
CA ARG A 36 -13.37 4.26 -2.83
C ARG A 36 -14.72 3.72 -3.34
N VAL A 37 -15.77 3.91 -2.51
CA VAL A 37 -17.12 3.46 -2.83
C VAL A 37 -17.75 4.43 -3.87
N GLU A 38 -17.48 4.13 -5.15
CA GLU A 38 -18.00 4.92 -6.28
C GLU A 38 -19.36 4.36 -6.73
N TYR A 39 -20.21 5.25 -7.27
CA TYR A 39 -21.55 4.91 -7.75
C TYR A 39 -21.67 5.26 -9.23
N ARG A 40 -22.30 4.38 -10.00
CA ARG A 40 -22.57 4.61 -11.43
C ARG A 40 -24.08 4.75 -11.63
N CYS A 41 -24.49 5.76 -12.40
CA CYS A 41 -25.90 6.03 -12.69
C CYS A 41 -26.30 5.31 -13.99
N PRO A 42 -27.43 4.52 -14.02
CA PRO A 42 -27.89 3.79 -15.24
C PRO A 42 -28.08 4.71 -16.46
N GLU A 43 -28.59 5.92 -16.18
CA GLU A 43 -28.90 6.94 -17.19
C GLU A 43 -27.61 7.67 -17.65
N CYS A 44 -26.64 7.77 -16.72
CA CYS A 44 -25.39 8.54 -16.89
C CYS A 44 -24.21 7.64 -16.52
N ALA A 45 -24.04 6.54 -17.28
CA ALA A 45 -22.98 5.51 -17.07
C ALA A 45 -21.55 6.08 -16.76
N LYS A 46 -21.36 7.40 -16.93
CA LYS A 46 -20.25 8.18 -16.33
C LYS A 46 -20.05 7.80 -14.83
N VAL A 47 -18.79 7.57 -14.42
CA VAL A 47 -18.48 7.15 -13.04
C VAL A 47 -18.50 8.38 -12.09
N PHE A 48 -19.24 8.25 -10.97
CA PHE A 48 -19.28 9.29 -9.91
C PHE A 48 -18.53 8.77 -8.69
N SER A 49 -17.56 9.57 -8.20
CA SER A 49 -16.77 9.23 -7.00
C SER A 49 -17.33 9.89 -5.75
N CYS A 50 -18.24 10.89 -5.93
CA CYS A 50 -18.79 11.69 -4.82
C CYS A 50 -20.22 11.24 -4.47
N PRO A 51 -20.41 10.51 -3.31
CA PRO A 51 -21.76 10.19 -2.76
C PRO A 51 -22.66 11.43 -2.60
N ALA A 52 -22.04 12.56 -2.21
CA ALA A 52 -22.74 13.82 -1.94
C ALA A 52 -23.43 14.38 -3.21
N ASN A 53 -22.70 14.33 -4.34
CA ASN A 53 -23.21 14.78 -5.66
C ASN A 53 -24.29 13.80 -6.14
N LEU A 54 -24.05 12.49 -5.89
CA LEU A 54 -24.94 11.39 -6.33
C LEU A 54 -26.31 11.49 -5.62
N ALA A 55 -26.33 12.04 -4.40
CA ALA A 55 -27.56 12.17 -3.58
C ALA A 55 -28.60 13.08 -4.27
N SER A 56 -28.17 14.31 -4.61
CA SER A 56 -29.00 15.30 -5.32
C SER A 56 -29.31 14.83 -6.75
N HIS A 57 -28.34 14.14 -7.36
CA HIS A 57 -28.43 13.59 -8.72
C HIS A 57 -29.53 12.51 -8.82
N ARG A 58 -29.68 11.75 -7.72
CA ARG A 58 -30.65 10.65 -7.62
C ARG A 58 -32.09 11.18 -7.49
N ARG A 59 -32.29 12.16 -6.59
CA ARG A 59 -33.62 12.79 -6.38
C ARG A 59 -33.99 13.71 -7.57
N TRP A 60 -33.00 13.99 -8.45
CA TRP A 60 -33.24 14.75 -9.70
C TRP A 60 -33.86 13.84 -10.78
N HIS A 61 -33.38 12.57 -10.87
CA HIS A 61 -33.97 11.56 -11.78
C HIS A 61 -35.33 11.06 -11.28
N LYS A 62 -35.64 11.31 -9.99
CA LYS A 62 -37.01 11.18 -9.49
C LYS A 62 -37.90 12.19 -10.26
N PRO A 63 -38.98 11.74 -10.95
CA PRO A 63 -39.87 12.64 -11.75
C PRO A 63 -40.43 13.81 -10.92
N ARG A 64 -39.77 14.98 -11.04
CA ARG A 64 -40.14 16.19 -10.31
C ARG A 64 -41.34 16.87 -11.03
N ALA A 1 -4.59 -2.16 -12.78
CA ALA A 1 -4.96 -1.70 -14.14
C ALA A 1 -4.26 -2.56 -15.21
N GLY A 2 -2.94 -2.76 -15.04
CA GLY A 2 -2.14 -3.60 -15.93
C GLY A 2 -0.67 -3.25 -15.91
N GLY A 3 0.14 -4.05 -15.18
CA GLY A 3 1.60 -3.87 -15.11
C GLY A 3 2.17 -4.20 -13.73
N ALA A 4 3.51 -4.08 -13.60
CA ALA A 4 4.23 -4.34 -12.33
C ALA A 4 5.53 -3.50 -12.26
N ALA A 5 5.57 -2.42 -13.08
CA ALA A 5 6.67 -1.41 -13.11
C ALA A 5 8.06 -2.02 -13.44
N ARG A 6 8.07 -3.16 -14.16
CA ARG A 6 9.27 -4.01 -14.37
C ARG A 6 9.77 -4.54 -12.99
N PRO A 7 9.33 -5.78 -12.58
CA PRO A 7 9.65 -6.35 -11.24
C PRO A 7 11.17 -6.63 -11.05
N LEU A 8 11.93 -5.56 -10.71
CA LEU A 8 13.40 -5.57 -10.65
C LEU A 8 13.90 -4.71 -9.46
N GLY A 9 14.87 -5.24 -8.69
CA GLY A 9 15.56 -4.50 -7.61
C GLY A 9 14.65 -4.11 -6.44
N GLU A 10 14.67 -2.80 -6.06
CA GLU A 10 13.80 -2.26 -4.99
C GLU A 10 12.45 -1.81 -5.57
N PHE A 11 11.36 -2.37 -5.02
CA PHE A 11 9.99 -2.00 -5.36
C PHE A 11 9.54 -0.95 -4.35
N ILE A 12 9.28 0.28 -4.81
CA ILE A 12 8.80 1.37 -3.95
C ILE A 12 7.27 1.43 -4.03
N CYS A 13 6.62 1.09 -2.92
CA CYS A 13 5.16 1.04 -2.81
C CYS A 13 4.68 2.39 -2.25
N GLN A 14 3.90 3.15 -3.04
CA GLN A 14 3.48 4.54 -2.69
C GLN A 14 2.54 4.58 -1.47
N LEU A 15 1.54 3.68 -1.45
CA LEU A 15 0.46 3.70 -0.44
C LEU A 15 0.92 3.21 0.94
N CYS A 16 1.95 2.33 0.98
CA CYS A 16 2.39 1.70 2.24
C CYS A 16 3.91 1.91 2.51
N LYS A 17 4.61 2.67 1.60
CA LYS A 17 6.05 3.08 1.75
C LYS A 17 7.03 1.90 1.93
N GLU A 18 6.58 0.68 1.61
CA GLU A 18 7.43 -0.51 1.74
C GLU A 18 8.38 -0.62 0.54
N GLU A 19 9.64 -0.22 0.78
CA GLU A 19 10.74 -0.34 -0.19
C GLU A 19 11.48 -1.65 0.12
N TYR A 20 11.47 -2.59 -0.84
CA TYR A 20 12.07 -3.93 -0.65
C TYR A 20 12.96 -4.30 -1.85
N ALA A 21 14.24 -4.57 -1.56
CA ALA A 21 15.22 -5.06 -2.54
C ALA A 21 15.24 -6.62 -2.59
N ASP A 22 14.85 -7.25 -1.47
CA ASP A 22 14.84 -8.74 -1.35
C ASP A 22 13.53 -9.33 -1.91
N PRO A 23 13.60 -10.34 -2.83
CA PRO A 23 12.39 -10.99 -3.41
C PRO A 23 11.55 -11.72 -2.34
N PHE A 24 12.22 -12.20 -1.28
CA PHE A 24 11.58 -12.82 -0.10
C PHE A 24 10.64 -11.79 0.59
N ALA A 25 11.12 -10.55 0.64
CA ALA A 25 10.41 -9.44 1.29
C ALA A 25 9.17 -9.00 0.47
N LEU A 26 9.27 -9.09 -0.89
CA LEU A 26 8.11 -8.81 -1.78
C LEU A 26 7.06 -9.94 -1.69
N ALA A 27 7.53 -11.17 -1.41
CA ALA A 27 6.65 -12.33 -1.22
C ALA A 27 5.81 -12.16 0.07
N GLN A 28 6.44 -11.55 1.09
CA GLN A 28 5.81 -11.32 2.40
C GLN A 28 5.13 -9.93 2.48
N HIS A 29 5.36 -9.06 1.46
CA HIS A 29 4.76 -7.70 1.40
C HIS A 29 3.21 -7.73 1.57
N LYS A 30 2.73 -7.00 2.58
CA LYS A 30 1.30 -6.80 2.86
C LYS A 30 0.92 -5.32 2.59
N CYS A 31 0.05 -5.09 1.60
CA CYS A 31 -0.66 -3.80 1.42
C CYS A 31 -1.97 -3.86 2.21
N SER A 32 -2.17 -2.90 3.14
CA SER A 32 -3.39 -2.79 3.96
C SER A 32 -3.76 -1.30 4.11
N ARG A 33 -3.75 -0.61 2.96
CA ARG A 33 -4.09 0.82 2.86
C ARG A 33 -5.20 0.99 1.81
N ILE A 34 -6.46 0.91 2.27
CA ILE A 34 -7.66 1.05 1.40
C ILE A 34 -7.95 2.55 1.16
N VAL A 35 -8.86 2.85 0.20
CA VAL A 35 -9.24 4.23 -0.13
C VAL A 35 -10.55 4.61 0.61
N ARG A 36 -10.38 5.23 1.81
CA ARG A 36 -11.50 5.73 2.64
C ARG A 36 -11.49 7.26 2.63
N VAL A 37 -12.64 7.87 2.24
CA VAL A 37 -12.81 9.33 2.33
C VAL A 37 -13.02 9.72 3.81
N GLU A 38 -12.17 10.64 4.29
CA GLU A 38 -12.15 11.05 5.69
C GLU A 38 -12.13 12.59 5.78
N TYR A 39 -12.65 13.10 6.90
CA TYR A 39 -12.90 14.53 7.11
C TYR A 39 -12.03 15.06 8.28
N ARG A 40 -11.05 15.92 7.93
CA ARG A 40 -10.06 16.48 8.87
C ARG A 40 -10.61 17.77 9.47
N CYS A 41 -10.68 17.85 10.82
CA CYS A 41 -11.13 19.05 11.54
C CYS A 41 -9.91 19.93 11.89
N PRO A 42 -9.97 21.29 11.64
CA PRO A 42 -8.84 22.22 11.92
C PRO A 42 -8.24 22.10 13.34
N GLU A 43 -9.08 22.26 14.36
CA GLU A 43 -8.65 22.27 15.80
C GLU A 43 -8.61 20.84 16.40
N CYS A 44 -9.02 19.85 15.62
CA CYS A 44 -9.00 18.42 16.01
C CYS A 44 -8.35 17.63 14.88
N ALA A 45 -7.08 17.97 14.59
CA ALA A 45 -6.30 17.48 13.40
C ALA A 45 -6.47 15.97 13.09
N LYS A 46 -6.73 15.16 14.15
CA LYS A 46 -7.11 13.74 14.00
C LYS A 46 -8.31 13.60 13.04
N VAL A 47 -8.03 13.04 11.86
CA VAL A 47 -8.95 12.97 10.73
C VAL A 47 -10.04 11.90 10.99
N PHE A 48 -11.31 12.35 10.98
CA PHE A 48 -12.49 11.53 11.34
C PHE A 48 -12.98 10.73 10.12
N SER A 49 -13.11 9.41 10.27
CA SER A 49 -13.65 8.54 9.20
C SER A 49 -15.19 8.68 9.11
N CYS A 50 -15.81 9.08 10.23
CA CYS A 50 -17.26 9.24 10.37
C CYS A 50 -17.73 10.64 9.85
N PRO A 51 -18.52 10.70 8.72
CA PRO A 51 -19.03 11.99 8.15
C PRO A 51 -20.15 12.65 9.01
N ALA A 52 -21.13 11.84 9.45
CA ALA A 52 -22.31 12.32 10.21
C ALA A 52 -21.93 12.76 11.63
N ASN A 53 -20.98 12.04 12.24
CA ASN A 53 -20.43 12.41 13.57
C ASN A 53 -19.67 13.74 13.44
N LEU A 54 -18.88 13.87 12.34
CA LEU A 54 -18.13 15.11 12.02
C LEU A 54 -19.10 16.29 11.80
N ALA A 55 -20.29 16.02 11.24
CA ALA A 55 -21.33 17.04 11.00
C ALA A 55 -21.85 17.63 12.33
N SER A 56 -22.24 16.73 13.24
CA SER A 56 -22.72 17.08 14.59
C SER A 56 -21.61 17.74 15.43
N HIS A 57 -20.37 17.32 15.14
CA HIS A 57 -19.13 17.81 15.77
C HIS A 57 -18.82 19.27 15.34
N ARG A 58 -19.07 19.56 14.05
CA ARG A 58 -18.80 20.89 13.46
C ARG A 58 -19.78 21.94 13.99
N ARG A 59 -21.07 21.56 14.02
CA ARG A 59 -22.13 22.44 14.53
C ARG A 59 -22.06 22.55 16.07
N TRP A 60 -21.30 21.64 16.72
CA TRP A 60 -20.94 21.78 18.15
C TRP A 60 -19.89 22.90 18.35
N HIS A 61 -18.93 23.02 17.40
CA HIS A 61 -17.96 24.16 17.37
C HIS A 61 -18.69 25.51 17.21
N LYS A 62 -19.77 25.51 16.39
CA LYS A 62 -20.61 26.69 16.17
C LYS A 62 -21.23 27.20 17.51
N PRO A 63 -20.87 28.45 17.97
CA PRO A 63 -21.28 28.97 19.29
C PRO A 63 -22.80 29.22 19.40
N ARG A 64 -23.49 28.29 20.09
CA ARG A 64 -24.91 28.42 20.45
C ARG A 64 -25.01 29.02 21.87
N ALA A 1 27.36 5.54 1.63
CA ALA A 1 25.92 5.86 1.56
C ALA A 1 25.15 4.74 0.85
N GLY A 2 25.40 4.58 -0.47
CA GLY A 2 24.70 3.58 -1.30
C GLY A 2 25.42 2.24 -1.39
N GLY A 3 26.75 2.27 -1.28
CA GLY A 3 27.59 1.06 -1.42
C GLY A 3 27.90 0.74 -2.88
N ALA A 4 26.84 0.49 -3.66
CA ALA A 4 26.90 0.23 -5.10
C ALA A 4 25.71 0.90 -5.81
N ALA A 5 25.75 0.91 -7.16
CA ALA A 5 24.63 1.40 -7.99
C ALA A 5 23.45 0.41 -7.90
N ARG A 6 22.23 0.94 -7.70
CA ARG A 6 21.03 0.12 -7.39
C ARG A 6 20.34 -0.37 -8.69
N PRO A 7 19.94 -1.69 -8.77
CA PRO A 7 19.20 -2.25 -9.93
C PRO A 7 17.69 -1.89 -9.92
N LEU A 8 16.84 -2.73 -10.56
CA LEU A 8 15.37 -2.56 -10.55
C LEU A 8 14.69 -3.57 -9.60
N GLY A 9 15.50 -4.29 -8.79
CA GLY A 9 15.00 -5.32 -7.88
C GLY A 9 14.17 -4.76 -6.73
N GLU A 10 14.30 -3.43 -6.50
CA GLU A 10 13.58 -2.71 -5.45
C GLU A 10 12.26 -2.16 -5.99
N PHE A 11 11.17 -2.57 -5.32
CA PHE A 11 9.82 -2.05 -5.57
C PHE A 11 9.51 -1.02 -4.49
N ILE A 12 8.96 0.14 -4.91
CA ILE A 12 8.61 1.23 -3.99
C ILE A 12 7.08 1.23 -3.77
N CYS A 13 6.64 0.98 -2.52
CA CYS A 13 5.22 1.15 -2.13
C CYS A 13 4.91 2.65 -2.01
N GLN A 14 3.90 3.12 -2.76
CA GLN A 14 3.51 4.54 -2.77
C GLN A 14 2.61 4.86 -1.57
N LEU A 15 1.86 3.84 -1.11
CA LEU A 15 0.97 3.96 0.06
C LEU A 15 1.74 3.70 1.37
N CYS A 16 2.52 2.61 1.39
CA CYS A 16 3.25 2.18 2.61
C CYS A 16 4.60 2.93 2.78
N LYS A 17 5.08 3.60 1.70
CA LYS A 17 6.42 4.25 1.63
C LYS A 17 7.55 3.23 1.94
N GLU A 18 7.53 2.11 1.21
CA GLU A 18 8.53 1.03 1.37
C GLU A 18 9.46 0.99 0.16
N GLU A 19 10.59 0.29 0.34
CA GLU A 19 11.56 -0.01 -0.73
C GLU A 19 12.28 -1.30 -0.35
N TYR A 20 12.15 -2.36 -1.17
CA TYR A 20 12.81 -3.67 -0.89
C TYR A 20 13.40 -4.26 -2.17
N ALA A 21 14.72 -4.44 -2.16
CA ALA A 21 15.45 -5.15 -3.24
C ALA A 21 15.36 -6.68 -3.02
N ASP A 22 15.11 -7.07 -1.76
CA ASP A 22 14.93 -8.47 -1.35
C ASP A 22 13.55 -8.98 -1.79
N PRO A 23 13.47 -9.99 -2.73
CA PRO A 23 12.19 -10.57 -3.19
C PRO A 23 11.45 -11.32 -2.05
N PHE A 24 12.21 -11.67 -0.99
CA PHE A 24 11.69 -12.27 0.26
C PHE A 24 10.66 -11.33 0.88
N ALA A 25 11.06 -10.05 1.02
CA ALA A 25 10.24 -9.00 1.64
C ALA A 25 8.97 -8.72 0.83
N LEU A 26 9.08 -8.79 -0.51
CA LEU A 26 7.91 -8.63 -1.42
C LEU A 26 6.91 -9.78 -1.24
N ALA A 27 7.43 -11.01 -1.18
CA ALA A 27 6.62 -12.24 -1.12
C ALA A 27 5.85 -12.34 0.22
N GLN A 28 6.44 -11.78 1.29
CA GLN A 28 5.86 -11.84 2.65
C GLN A 28 5.03 -10.57 2.97
N HIS A 29 5.22 -9.49 2.19
CA HIS A 29 4.42 -8.25 2.35
C HIS A 29 3.01 -8.43 1.78
N LYS A 30 2.01 -8.20 2.64
CA LYS A 30 0.60 -8.06 2.22
C LYS A 30 0.28 -6.55 2.21
N CYS A 31 -0.07 -6.02 1.03
CA CYS A 31 -0.17 -4.56 0.83
C CYS A 31 -1.51 -4.00 1.35
N SER A 32 -1.41 -3.06 2.30
CA SER A 32 -2.55 -2.31 2.85
C SER A 32 -3.07 -1.29 1.82
N ARG A 33 -4.39 -0.97 1.87
CA ARG A 33 -5.04 -0.02 0.94
C ARG A 33 -4.71 1.45 1.25
N ILE A 34 -5.37 2.36 0.52
CA ILE A 34 -5.21 3.83 0.69
C ILE A 34 -5.67 4.19 2.11
N VAL A 35 -4.72 4.70 2.93
CA VAL A 35 -4.98 5.08 4.32
C VAL A 35 -6.02 6.20 4.38
N ARG A 36 -7.22 5.85 4.86
CA ARG A 36 -8.33 6.80 5.04
C ARG A 36 -7.96 7.90 6.06
N VAL A 37 -8.54 9.09 5.86
CA VAL A 37 -8.36 10.22 6.78
C VAL A 37 -9.68 10.47 7.53
N GLU A 38 -9.55 10.92 8.78
CA GLU A 38 -10.68 11.31 9.62
C GLU A 38 -11.04 12.79 9.32
N TYR A 39 -12.34 13.03 9.07
CA TYR A 39 -12.86 14.32 8.58
C TYR A 39 -13.44 15.15 9.74
N ARG A 40 -12.84 16.33 9.95
CA ARG A 40 -13.23 17.27 11.01
C ARG A 40 -14.23 18.29 10.44
N CYS A 41 -15.40 18.38 11.07
CA CYS A 41 -16.45 19.35 10.72
C CYS A 41 -16.06 20.73 11.30
N PRO A 42 -16.02 21.84 10.48
CA PRO A 42 -15.57 23.19 10.96
C PRO A 42 -16.45 23.74 12.11
N GLU A 43 -17.76 23.46 12.01
CA GLU A 43 -18.78 23.93 12.98
C GLU A 43 -18.76 23.07 14.27
N CYS A 44 -18.27 21.83 14.14
CA CYS A 44 -18.19 20.84 15.23
C CYS A 44 -16.78 20.26 15.26
N ALA A 45 -15.79 21.12 15.57
CA ALA A 45 -14.33 20.83 15.52
C ALA A 45 -13.88 19.44 16.09
N LYS A 46 -14.81 18.66 16.71
CA LYS A 46 -14.65 17.20 16.87
C LYS A 46 -14.40 16.53 15.50
N VAL A 47 -13.38 15.64 15.44
CA VAL A 47 -13.06 14.90 14.20
C VAL A 47 -13.85 13.58 14.17
N PHE A 48 -14.21 13.11 12.96
CA PHE A 48 -14.97 11.85 12.76
C PHE A 48 -14.18 10.92 11.83
N SER A 49 -13.95 9.67 12.26
CA SER A 49 -13.18 8.68 11.49
C SER A 49 -14.01 8.11 10.33
N CYS A 50 -15.34 8.10 10.50
CA CYS A 50 -16.30 7.51 9.57
C CYS A 50 -16.74 8.56 8.52
N PRO A 51 -16.28 8.44 7.21
CA PRO A 51 -16.60 9.42 6.13
C PRO A 51 -18.11 9.51 5.81
N ALA A 52 -18.78 8.34 5.78
CA ALA A 52 -20.24 8.24 5.47
C ALA A 52 -21.08 8.89 6.58
N ASN A 53 -20.71 8.59 7.83
CA ASN A 53 -21.41 9.12 9.03
C ASN A 53 -21.16 10.63 9.17
N LEU A 54 -19.99 11.11 8.69
CA LEU A 54 -19.63 12.55 8.67
C LEU A 54 -20.47 13.30 7.62
N ALA A 55 -20.65 12.67 6.44
CA ALA A 55 -21.44 13.24 5.34
C ALA A 55 -22.93 13.37 5.76
N SER A 56 -23.42 12.32 6.43
CA SER A 56 -24.77 12.28 7.02
C SER A 56 -24.90 13.29 8.19
N HIS A 57 -23.80 13.46 8.94
CA HIS A 57 -23.71 14.42 10.07
C HIS A 57 -23.91 15.86 9.58
N ARG A 58 -23.23 16.22 8.47
CA ARG A 58 -23.29 17.57 7.91
C ARG A 58 -24.71 17.91 7.44
N ARG A 59 -25.29 17.01 6.62
CA ARG A 59 -26.67 17.19 6.10
C ARG A 59 -27.74 17.04 7.22
N TRP A 60 -27.35 16.46 8.37
CA TRP A 60 -28.23 16.34 9.55
C TRP A 60 -28.46 17.71 10.21
N HIS A 61 -27.39 18.49 10.42
CA HIS A 61 -27.51 19.83 11.07
C HIS A 61 -27.41 20.97 10.05
N LYS A 62 -27.36 20.63 8.75
CA LYS A 62 -27.46 21.63 7.67
C LYS A 62 -28.92 22.15 7.62
N PRO A 63 -29.16 23.49 7.83
CA PRO A 63 -30.53 24.07 7.86
C PRO A 63 -31.13 24.29 6.44
N ARG A 64 -31.14 23.21 5.64
CA ARG A 64 -31.65 23.23 4.25
C ARG A 64 -33.06 22.57 4.25
N ALA A 1 37.27 -11.37 -1.08
CA ALA A 1 35.98 -10.99 -1.69
C ALA A 1 36.15 -10.74 -3.19
N GLY A 2 35.25 -11.32 -4.00
CA GLY A 2 35.28 -11.16 -5.46
C GLY A 2 33.99 -11.66 -6.09
N GLY A 3 32.89 -10.97 -5.77
CA GLY A 3 31.55 -11.33 -6.25
C GLY A 3 30.79 -10.12 -6.78
N ALA A 4 30.50 -10.15 -8.09
CA ALA A 4 29.69 -9.12 -8.77
C ALA A 4 28.21 -9.22 -8.34
N ALA A 5 27.89 -8.59 -7.20
CA ALA A 5 26.53 -8.55 -6.65
C ALA A 5 25.69 -7.47 -7.33
N ARG A 6 24.36 -7.67 -7.33
CA ARG A 6 23.40 -6.73 -7.92
C ARG A 6 22.32 -6.39 -6.86
N PRO A 7 22.61 -5.44 -5.93
CA PRO A 7 21.65 -5.02 -4.87
C PRO A 7 20.55 -4.05 -5.41
N LEU A 8 20.54 -3.82 -6.74
CA LEU A 8 19.53 -2.99 -7.41
C LEU A 8 18.26 -3.80 -7.70
N GLY A 9 17.19 -3.08 -8.10
CA GLY A 9 15.91 -3.71 -8.44
C GLY A 9 14.90 -3.64 -7.31
N GLU A 10 15.09 -2.65 -6.42
CA GLU A 10 14.18 -2.35 -5.32
C GLU A 10 12.80 -1.90 -5.84
N PHE A 11 11.76 -2.59 -5.38
CA PHE A 11 10.37 -2.21 -5.62
C PHE A 11 9.96 -1.23 -4.52
N ILE A 12 9.33 -0.11 -4.93
CA ILE A 12 8.82 0.91 -3.99
C ILE A 12 7.29 0.97 -4.10
N CYS A 13 6.60 0.56 -3.04
CA CYS A 13 5.16 0.84 -2.87
C CYS A 13 5.02 2.15 -2.11
N GLN A 14 4.08 3.03 -2.48
CA GLN A 14 3.88 4.32 -1.79
C GLN A 14 2.92 4.17 -0.59
N LEU A 15 1.89 3.32 -0.74
CA LEU A 15 0.82 3.16 0.26
C LEU A 15 1.34 2.47 1.54
N CYS A 16 2.16 1.43 1.36
CA CYS A 16 2.74 0.67 2.50
C CYS A 16 4.21 1.10 2.76
N LYS A 17 4.84 1.73 1.73
CA LYS A 17 6.21 2.30 1.78
C LYS A 17 7.31 1.29 2.20
N GLU A 18 7.41 0.18 1.45
CA GLU A 18 8.60 -0.69 1.49
C GLU A 18 9.48 -0.38 0.28
N GLU A 19 10.77 -0.61 0.44
CA GLU A 19 11.76 -0.50 -0.63
C GLU A 19 12.77 -1.64 -0.46
N TYR A 20 12.75 -2.63 -1.39
CA TYR A 20 13.54 -3.88 -1.24
C TYR A 20 13.86 -4.51 -2.59
N ALA A 21 15.12 -4.90 -2.77
CA ALA A 21 15.55 -5.73 -3.90
C ALA A 21 15.35 -7.23 -3.56
N ASP A 22 15.12 -7.52 -2.26
CA ASP A 22 14.82 -8.88 -1.78
C ASP A 22 13.37 -9.28 -2.15
N PRO A 23 13.18 -10.34 -2.99
CA PRO A 23 11.83 -10.88 -3.31
C PRO A 23 11.16 -11.55 -2.08
N PHE A 24 11.98 -11.89 -1.05
CA PHE A 24 11.52 -12.39 0.26
C PHE A 24 10.63 -11.32 0.92
N ALA A 25 11.14 -10.09 0.91
CA ALA A 25 10.51 -8.91 1.50
C ALA A 25 9.33 -8.41 0.65
N LEU A 26 9.38 -8.69 -0.67
CA LEU A 26 8.26 -8.44 -1.60
C LEU A 26 7.10 -9.44 -1.36
N ALA A 27 7.45 -10.65 -0.91
CA ALA A 27 6.46 -11.67 -0.50
C ALA A 27 5.87 -11.31 0.88
N GLN A 28 6.65 -10.55 1.68
CA GLN A 28 6.23 -10.07 3.01
C GLN A 28 5.44 -8.74 2.92
N HIS A 29 5.57 -8.04 1.77
CA HIS A 29 4.82 -6.80 1.47
C HIS A 29 3.29 -7.06 1.52
N LYS A 30 2.61 -6.26 2.36
CA LYS A 30 1.14 -6.29 2.52
C LYS A 30 0.53 -4.99 1.97
N CYS A 31 -0.28 -5.09 0.90
CA CYS A 31 -1.00 -3.92 0.35
C CYS A 31 -2.34 -3.71 1.07
N SER A 32 -2.64 -2.44 1.35
CA SER A 32 -3.89 -1.99 2.00
C SER A 32 -4.03 -0.48 1.76
N ARG A 33 -5.19 -0.07 1.23
CA ARG A 33 -5.51 1.35 1.03
C ARG A 33 -6.18 1.89 2.30
N ILE A 34 -5.67 3.03 2.82
CA ILE A 34 -6.14 3.64 4.07
C ILE A 34 -7.58 4.21 3.93
N VAL A 35 -8.57 3.36 4.26
CA VAL A 35 -10.00 3.70 4.23
C VAL A 35 -10.61 3.44 5.62
N ARG A 36 -11.35 4.44 6.14
CA ARG A 36 -12.02 4.36 7.45
C ARG A 36 -13.12 3.29 7.44
N VAL A 37 -13.42 2.69 8.62
CA VAL A 37 -14.45 1.63 8.76
C VAL A 37 -15.82 2.08 8.20
N GLU A 38 -16.21 1.46 7.08
CA GLU A 38 -17.42 1.82 6.34
C GLU A 38 -18.61 0.99 6.84
N TYR A 39 -19.76 1.66 7.06
CA TYR A 39 -21.01 0.99 7.47
C TYR A 39 -22.13 1.36 6.50
N ARG A 40 -23.03 0.41 6.26
CA ARG A 40 -24.10 0.49 5.26
C ARG A 40 -25.35 -0.21 5.82
N CYS A 41 -26.53 0.46 5.78
CA CYS A 41 -27.80 -0.18 6.20
C CYS A 41 -28.29 -1.07 5.03
N PRO A 42 -28.91 -2.27 5.27
CA PRO A 42 -29.49 -3.09 4.16
C PRO A 42 -30.53 -2.31 3.32
N GLU A 43 -31.23 -1.36 3.98
CA GLU A 43 -32.25 -0.49 3.34
C GLU A 43 -31.62 0.73 2.62
N CYS A 44 -30.31 0.94 2.89
CA CYS A 44 -29.51 2.07 2.38
C CYS A 44 -28.27 1.52 1.67
N ALA A 45 -28.50 0.78 0.57
CA ALA A 45 -27.42 0.17 -0.26
C ALA A 45 -26.20 1.11 -0.52
N LYS A 46 -26.44 2.43 -0.46
CA LYS A 46 -25.36 3.44 -0.42
C LYS A 46 -24.52 3.26 0.87
N VAL A 47 -23.27 2.79 0.70
CA VAL A 47 -22.32 2.62 1.81
C VAL A 47 -21.76 3.99 2.23
N PHE A 48 -21.74 4.23 3.55
CA PHE A 48 -21.13 5.42 4.14
C PHE A 48 -19.71 5.06 4.56
N SER A 49 -18.73 5.82 4.06
CA SER A 49 -17.32 5.67 4.44
C SER A 49 -17.03 6.47 5.72
N CYS A 50 -17.98 7.36 6.08
CA CYS A 50 -17.95 8.15 7.32
C CYS A 50 -18.84 7.48 8.39
N PRO A 51 -18.24 6.70 9.36
CA PRO A 51 -18.99 6.00 10.46
C PRO A 51 -19.74 6.97 11.39
N ALA A 52 -19.17 8.16 11.62
CA ALA A 52 -19.75 9.19 12.50
C ALA A 52 -21.08 9.71 11.92
N ASN A 53 -21.09 9.94 10.59
CA ASN A 53 -22.30 10.36 9.86
C ASN A 53 -23.33 9.23 9.84
N LEU A 54 -22.86 7.98 9.58
CA LEU A 54 -23.72 6.79 9.48
C LEU A 54 -24.47 6.54 10.80
N ALA A 55 -23.76 6.68 11.93
CA ALA A 55 -24.31 6.39 13.27
C ALA A 55 -25.55 7.27 13.53
N SER A 56 -25.34 8.58 13.44
CA SER A 56 -26.40 9.59 13.62
C SER A 56 -27.50 9.48 12.53
N HIS A 57 -27.08 9.08 11.30
CA HIS A 57 -27.96 8.85 10.14
C HIS A 57 -29.00 7.75 10.43
N ARG A 58 -28.54 6.62 11.02
CA ARG A 58 -29.43 5.48 11.31
C ARG A 58 -30.40 5.83 12.44
N ARG A 59 -29.89 6.56 13.44
CA ARG A 59 -30.68 7.03 14.60
C ARG A 59 -31.67 8.15 14.17
N TRP A 60 -31.38 8.79 13.02
CA TRP A 60 -32.23 9.81 12.38
C TRP A 60 -33.45 9.15 11.67
N HIS A 61 -33.21 8.08 10.87
CA HIS A 61 -34.30 7.42 10.11
C HIS A 61 -34.75 6.11 10.79
N LYS A 62 -34.31 5.93 12.05
CA LYS A 62 -34.72 4.83 12.94
C LYS A 62 -36.26 4.82 13.09
N PRO A 63 -36.97 3.77 12.56
CA PRO A 63 -38.44 3.69 12.66
C PRO A 63 -38.90 3.34 14.11
N ARG A 64 -40.05 3.90 14.51
CA ARG A 64 -40.56 3.79 15.89
C ARG A 64 -41.23 2.41 16.15
N ALA A 1 17.40 -23.84 3.28
CA ALA A 1 18.85 -23.54 3.38
C ALA A 1 19.12 -22.06 3.04
N GLY A 2 20.15 -21.47 3.67
CA GLY A 2 20.55 -20.07 3.42
C GLY A 2 21.30 -19.91 2.11
N GLY A 3 20.56 -19.97 0.99
CA GLY A 3 21.14 -19.93 -0.35
C GLY A 3 21.59 -18.53 -0.78
N ALA A 4 22.63 -18.46 -1.63
CA ALA A 4 23.17 -17.20 -2.14
C ALA A 4 22.31 -16.68 -3.31
N ALA A 5 21.57 -15.58 -3.06
CA ALA A 5 20.69 -14.92 -4.06
C ALA A 5 21.08 -13.44 -4.22
N ARG A 6 20.82 -12.89 -5.42
CA ARG A 6 21.08 -11.47 -5.74
C ARG A 6 19.92 -10.57 -5.24
N PRO A 7 20.19 -9.26 -4.91
CA PRO A 7 19.13 -8.32 -4.52
C PRO A 7 18.25 -7.91 -5.72
N LEU A 8 16.93 -8.05 -5.55
CA LEU A 8 15.93 -7.67 -6.56
C LEU A 8 15.81 -6.14 -6.60
N GLY A 9 15.66 -5.56 -7.80
CA GLY A 9 15.46 -4.12 -7.96
C GLY A 9 14.24 -3.62 -7.19
N GLU A 10 14.46 -2.63 -6.30
CA GLU A 10 13.48 -2.21 -5.28
C GLU A 10 12.09 -1.88 -5.86
N PHE A 11 11.07 -2.57 -5.32
CA PHE A 11 9.68 -2.16 -5.50
C PHE A 11 9.36 -1.12 -4.42
N ILE A 12 8.97 0.08 -4.86
CA ILE A 12 8.52 1.15 -3.97
C ILE A 12 6.99 1.28 -4.11
N CYS A 13 6.27 1.28 -3.00
CA CYS A 13 4.87 1.74 -2.96
C CYS A 13 4.86 3.22 -2.53
N GLN A 14 3.85 3.98 -2.97
CA GLN A 14 3.68 5.38 -2.53
C GLN A 14 2.83 5.44 -1.25
N LEU A 15 1.77 4.59 -1.19
CA LEU A 15 0.83 4.56 -0.05
C LEU A 15 1.43 3.75 1.13
N CYS A 16 1.54 2.40 0.95
CA CYS A 16 2.03 1.50 2.03
C CYS A 16 3.57 1.59 2.18
N LYS A 17 4.22 2.12 1.12
CA LYS A 17 5.66 2.44 1.04
C LYS A 17 6.58 1.27 1.46
N GLU A 18 6.21 0.03 1.08
CA GLU A 18 7.05 -1.17 1.33
C GLU A 18 8.17 -1.26 0.28
N GLU A 19 9.20 -0.47 0.54
CA GLU A 19 10.45 -0.45 -0.22
C GLU A 19 11.30 -1.66 0.19
N TYR A 20 11.53 -2.58 -0.77
CA TYR A 20 12.28 -3.83 -0.51
C TYR A 20 13.20 -4.19 -1.68
N ALA A 21 14.44 -4.56 -1.34
CA ALA A 21 15.44 -5.09 -2.30
C ALA A 21 15.58 -6.62 -2.12
N ASP A 22 15.01 -7.19 -1.04
CA ASP A 22 15.01 -8.65 -0.81
C ASP A 22 13.80 -9.28 -1.53
N PRO A 23 14.02 -10.18 -2.56
CA PRO A 23 12.93 -10.84 -3.33
C PRO A 23 11.89 -11.56 -2.43
N PHE A 24 12.37 -12.09 -1.30
CA PHE A 24 11.54 -12.79 -0.30
C PHE A 24 10.62 -11.80 0.44
N ALA A 25 11.13 -10.59 0.67
CA ALA A 25 10.39 -9.54 1.38
C ALA A 25 9.25 -8.97 0.50
N LEU A 26 9.39 -9.08 -0.83
CA LEU A 26 8.28 -8.77 -1.77
C LEU A 26 7.23 -9.90 -1.74
N ALA A 27 7.69 -11.14 -1.55
CA ALA A 27 6.82 -12.32 -1.47
C ALA A 27 5.94 -12.29 -0.20
N GLN A 28 6.44 -11.64 0.88
CA GLN A 28 5.68 -11.48 2.15
C GLN A 28 4.86 -10.17 2.14
N HIS A 29 5.28 -9.17 1.32
CA HIS A 29 4.58 -7.86 1.20
C HIS A 29 3.10 -8.05 0.84
N LYS A 30 2.22 -7.57 1.75
CA LYS A 30 0.75 -7.63 1.61
C LYS A 30 0.21 -6.21 1.39
N CYS A 31 -0.14 -5.87 0.13
CA CYS A 31 -0.72 -4.56 -0.19
C CYS A 31 -2.26 -4.62 -0.08
N SER A 32 -2.83 -3.80 0.82
CA SER A 32 -4.27 -3.62 0.96
C SER A 32 -4.72 -2.42 0.10
N ARG A 33 -5.62 -2.66 -0.87
CA ARG A 33 -6.16 -1.61 -1.75
C ARG A 33 -7.68 -1.80 -1.94
N ILE A 34 -8.35 -0.74 -2.41
CA ILE A 34 -9.80 -0.72 -2.61
C ILE A 34 -10.13 -0.15 -4.01
N VAL A 35 -11.31 -0.51 -4.54
CA VAL A 35 -11.82 0.01 -5.84
C VAL A 35 -13.30 0.41 -5.65
N ARG A 36 -13.78 1.38 -6.45
CA ARG A 36 -15.17 1.86 -6.38
C ARG A 36 -16.14 0.80 -6.96
N VAL A 37 -16.15 0.70 -8.29
CA VAL A 37 -17.01 -0.21 -9.07
C VAL A 37 -16.60 -0.10 -10.55
N GLU A 38 -16.67 -1.22 -11.29
CA GLU A 38 -16.34 -1.21 -12.72
C GLU A 38 -17.51 -0.63 -13.53
N TYR A 39 -17.24 0.50 -14.19
CA TYR A 39 -18.13 1.09 -15.20
C TYR A 39 -17.53 0.79 -16.58
N ARG A 40 -18.13 -0.18 -17.27
CA ARG A 40 -17.65 -0.67 -18.57
C ARG A 40 -18.58 -0.15 -19.66
N CYS A 41 -18.08 0.74 -20.51
CA CYS A 41 -18.87 1.36 -21.59
C CYS A 41 -19.04 0.36 -22.75
N PRO A 42 -20.24 0.32 -23.45
CA PRO A 42 -20.60 -0.77 -24.42
C PRO A 42 -19.51 -1.03 -25.49
N GLU A 43 -19.11 0.05 -26.19
CA GLU A 43 -18.05 0.00 -27.23
C GLU A 43 -16.64 0.33 -26.64
N CYS A 44 -16.59 1.24 -25.64
CA CYS A 44 -15.35 1.60 -24.92
C CYS A 44 -15.13 0.68 -23.69
N ALA A 45 -14.99 -0.64 -23.95
CA ALA A 45 -14.88 -1.71 -22.90
C ALA A 45 -13.86 -1.43 -21.76
N LYS A 46 -13.00 -0.40 -21.91
CA LYS A 46 -12.08 0.07 -20.85
C LYS A 46 -12.85 0.41 -19.53
N VAL A 47 -12.31 -0.05 -18.39
CA VAL A 47 -12.93 0.12 -17.06
C VAL A 47 -12.73 1.55 -16.51
N PHE A 48 -13.82 2.20 -16.12
CA PHE A 48 -13.80 3.47 -15.35
C PHE A 48 -14.21 3.12 -13.91
N SER A 49 -13.37 3.47 -12.93
CA SER A 49 -13.69 3.28 -11.51
C SER A 49 -14.39 4.54 -10.98
N CYS A 50 -13.98 5.71 -11.50
CA CYS A 50 -14.53 7.01 -11.10
C CYS A 50 -15.96 7.21 -11.69
N PRO A 51 -17.03 7.22 -10.83
CA PRO A 51 -18.44 7.31 -11.29
C PRO A 51 -18.75 8.60 -12.09
N ALA A 52 -18.30 9.74 -11.56
CA ALA A 52 -18.54 11.07 -12.17
C ALA A 52 -17.86 11.19 -13.55
N ASN A 53 -16.72 10.50 -13.71
CA ASN A 53 -15.96 10.50 -14.97
C ASN A 53 -16.71 9.72 -16.07
N LEU A 54 -17.48 8.71 -15.65
CA LEU A 54 -18.30 7.90 -16.58
C LEU A 54 -19.49 8.72 -17.10
N ALA A 55 -20.10 9.53 -16.20
CA ALA A 55 -21.24 10.41 -16.56
C ALA A 55 -20.82 11.45 -17.63
N SER A 56 -19.66 12.10 -17.37
CA SER A 56 -19.07 13.09 -18.27
C SER A 56 -18.59 12.45 -19.59
N HIS A 57 -18.16 11.18 -19.50
CA HIS A 57 -17.65 10.38 -20.64
C HIS A 57 -18.78 10.12 -21.67
N ARG A 58 -19.96 9.69 -21.18
CA ARG A 58 -21.12 9.39 -22.04
C ARG A 58 -21.61 10.64 -22.77
N ARG A 59 -21.82 11.73 -21.99
CA ARG A 59 -22.35 12.99 -22.53
C ARG A 59 -21.31 13.69 -23.44
N TRP A 60 -20.04 13.28 -23.34
CA TRP A 60 -18.96 13.76 -24.22
C TRP A 60 -19.08 13.16 -25.63
N HIS A 61 -19.33 11.83 -25.73
CA HIS A 61 -19.37 11.14 -27.05
C HIS A 61 -20.79 10.68 -27.45
N LYS A 62 -21.83 11.25 -26.81
CA LYS A 62 -23.24 10.99 -27.23
C LYS A 62 -23.52 11.65 -28.62
N PRO A 63 -24.45 11.07 -29.44
CA PRO A 63 -24.96 11.73 -30.67
C PRO A 63 -26.08 12.77 -30.37
N ARG A 64 -26.50 13.48 -31.43
CA ARG A 64 -27.66 14.41 -31.43
C ARG A 64 -27.49 15.56 -30.37
N ALA A 1 17.45 -16.02 5.37
CA ALA A 1 17.75 -17.05 4.35
C ALA A 1 19.18 -16.88 3.84
N GLY A 2 20.08 -17.81 4.24
CA GLY A 2 21.48 -17.78 3.80
C GLY A 2 21.63 -18.14 2.33
N GLY A 3 22.59 -17.48 1.65
CA GLY A 3 22.74 -17.60 0.21
C GLY A 3 21.71 -16.78 -0.56
N ALA A 4 21.29 -15.67 0.05
CA ALA A 4 20.25 -14.79 -0.50
C ALA A 4 20.75 -14.04 -1.75
N ALA A 5 20.31 -14.51 -2.93
CA ALA A 5 20.54 -13.84 -4.22
C ALA A 5 19.68 -12.57 -4.29
N ARG A 6 20.26 -11.45 -3.83
CA ARG A 6 19.56 -10.16 -3.72
C ARG A 6 19.66 -9.39 -5.06
N PRO A 7 18.51 -9.12 -5.76
CA PRO A 7 18.47 -8.21 -6.90
C PRO A 7 18.28 -6.74 -6.45
N LEU A 8 18.22 -5.83 -7.43
CA LEU A 8 17.78 -4.44 -7.21
C LEU A 8 16.32 -4.30 -7.64
N GLY A 9 15.53 -5.37 -7.39
CA GLY A 9 14.09 -5.38 -7.65
C GLY A 9 13.33 -4.73 -6.50
N GLU A 10 13.63 -3.44 -6.29
CA GLU A 10 13.11 -2.66 -5.16
C GLU A 10 11.77 -2.03 -5.55
N PHE A 11 10.74 -2.38 -4.78
CA PHE A 11 9.39 -1.85 -4.92
C PHE A 11 9.12 -0.93 -3.73
N ILE A 12 9.17 0.39 -4.00
CA ILE A 12 8.79 1.45 -3.05
C ILE A 12 7.35 1.86 -3.39
N CYS A 13 6.41 1.52 -2.51
CA CYS A 13 5.00 1.94 -2.66
C CYS A 13 4.83 3.37 -2.15
N GLN A 14 4.06 4.19 -2.88
CA GLN A 14 3.74 5.57 -2.46
C GLN A 14 2.62 5.57 -1.39
N LEU A 15 1.95 4.40 -1.23
CA LEU A 15 0.85 4.24 -0.27
C LEU A 15 1.31 3.42 0.97
N CYS A 16 1.56 2.09 0.79
CA CYS A 16 1.90 1.19 1.94
C CYS A 16 3.37 1.36 2.40
N LYS A 17 4.23 1.87 1.48
CA LYS A 17 5.65 2.22 1.77
C LYS A 17 6.57 1.05 2.15
N GLU A 18 6.04 -0.19 2.22
CA GLU A 18 6.86 -1.39 2.44
C GLU A 18 7.78 -1.61 1.21
N GLU A 19 9.02 -1.09 1.34
CA GLU A 19 10.03 -1.04 0.28
C GLU A 19 11.10 -2.11 0.50
N TYR A 20 11.22 -3.03 -0.47
CA TYR A 20 12.14 -4.19 -0.35
C TYR A 20 12.81 -4.47 -1.69
N ALA A 21 14.09 -4.90 -1.66
CA ALA A 21 14.89 -5.18 -2.87
C ALA A 21 14.85 -6.67 -3.26
N ASP A 22 14.77 -7.55 -2.25
CA ASP A 22 14.89 -9.01 -2.43
C ASP A 22 13.48 -9.68 -2.47
N PRO A 23 13.29 -10.81 -3.23
CA PRO A 23 11.95 -11.42 -3.46
C PRO A 23 11.38 -12.12 -2.21
N PHE A 24 12.25 -12.43 -1.22
CA PHE A 24 11.86 -13.05 0.06
C PHE A 24 11.04 -12.02 0.87
N ALA A 25 11.55 -10.79 0.88
CA ALA A 25 10.90 -9.67 1.55
C ALA A 25 9.71 -9.13 0.73
N LEU A 26 9.69 -9.39 -0.61
CA LEU A 26 8.50 -9.12 -1.45
C LEU A 26 7.37 -10.13 -1.17
N ALA A 27 7.75 -11.36 -0.75
CA ALA A 27 6.78 -12.37 -0.28
C ALA A 27 6.21 -11.94 1.08
N GLN A 28 7.04 -11.26 1.88
CA GLN A 28 6.64 -10.69 3.19
C GLN A 28 5.81 -9.39 2.98
N HIS A 29 6.04 -8.72 1.83
CA HIS A 29 5.37 -7.44 1.48
C HIS A 29 3.87 -7.63 1.22
N LYS A 30 3.06 -6.94 2.03
CA LYS A 30 1.63 -6.69 1.76
C LYS A 30 1.44 -5.18 1.53
N CYS A 31 0.45 -4.81 0.73
CA CYS A 31 -0.07 -3.44 0.72
C CYS A 31 -1.18 -3.30 1.78
N SER A 32 -1.40 -2.07 2.27
CA SER A 32 -2.28 -1.80 3.42
C SER A 32 -3.73 -2.24 3.12
N ARG A 33 -4.21 -3.24 3.88
CA ARG A 33 -5.55 -3.83 3.73
C ARG A 33 -6.05 -4.33 5.09
N ILE A 34 -7.34 -4.69 5.19
CA ILE A 34 -7.94 -5.25 6.43
C ILE A 34 -7.53 -6.73 6.62
N VAL A 35 -6.26 -6.92 7.04
CA VAL A 35 -5.71 -8.21 7.44
C VAL A 35 -5.38 -8.12 8.94
N ARG A 36 -6.42 -8.30 9.77
CA ARG A 36 -6.32 -8.22 11.24
C ARG A 36 -5.40 -9.34 11.78
N VAL A 37 -5.77 -10.58 11.44
CA VAL A 37 -4.99 -11.78 11.77
C VAL A 37 -4.27 -12.27 10.50
N GLU A 38 -2.98 -12.60 10.64
CA GLU A 38 -2.16 -13.17 9.56
C GLU A 38 -1.63 -14.54 10.00
N TYR A 39 -1.94 -15.58 9.22
CA TYR A 39 -1.43 -16.94 9.45
C TYR A 39 -0.76 -17.43 8.15
N ARG A 40 0.57 -17.37 8.12
CA ARG A 40 1.35 -17.76 6.95
C ARG A 40 1.82 -19.21 7.11
N CYS A 41 1.52 -20.05 6.11
CA CYS A 41 2.05 -21.41 6.04
C CYS A 41 3.39 -21.36 5.27
N PRO A 42 4.57 -21.64 5.93
CA PRO A 42 5.92 -21.60 5.28
C PRO A 42 5.99 -22.30 3.89
N GLU A 43 5.41 -23.51 3.80
CA GLU A 43 5.42 -24.34 2.57
C GLU A 43 4.50 -23.78 1.45
N CYS A 44 3.50 -22.99 1.87
CA CYS A 44 2.48 -22.40 0.99
C CYS A 44 2.43 -20.89 1.27
N ALA A 45 3.59 -20.23 1.01
CA ALA A 45 3.97 -18.88 1.53
C ALA A 45 2.88 -17.76 1.50
N LYS A 46 1.75 -18.00 0.80
CA LYS A 46 0.55 -17.13 0.89
C LYS A 46 0.10 -16.92 2.37
N VAL A 47 -0.26 -15.68 2.71
CA VAL A 47 -0.85 -15.35 4.01
C VAL A 47 -2.35 -15.74 4.02
N PHE A 48 -2.80 -16.36 5.11
CA PHE A 48 -4.20 -16.75 5.30
C PHE A 48 -4.77 -16.00 6.52
N SER A 49 -5.88 -15.29 6.33
CA SER A 49 -6.59 -14.59 7.41
C SER A 49 -7.65 -15.51 8.05
N CYS A 50 -7.83 -16.71 7.48
CA CYS A 50 -8.80 -17.71 7.95
C CYS A 50 -8.15 -18.60 9.05
N PRO A 51 -8.55 -18.44 10.36
CA PRO A 51 -7.88 -19.13 11.49
C PRO A 51 -8.14 -20.65 11.51
N ALA A 52 -9.41 -21.05 11.37
CA ALA A 52 -9.83 -22.46 11.42
C ALA A 52 -9.38 -23.22 10.17
N ASN A 53 -9.38 -22.53 9.02
CA ASN A 53 -8.94 -23.11 7.74
C ASN A 53 -7.45 -23.43 7.75
N LEU A 54 -6.63 -22.45 8.22
CA LEU A 54 -5.16 -22.61 8.29
C LEU A 54 -4.79 -23.65 9.36
N ALA A 55 -5.57 -23.70 10.46
CA ALA A 55 -5.38 -24.69 11.54
C ALA A 55 -5.53 -26.12 10.98
N SER A 56 -6.66 -26.36 10.30
CA SER A 56 -6.94 -27.65 9.64
C SER A 56 -5.86 -27.98 8.60
N HIS A 57 -5.49 -26.97 7.81
CA HIS A 57 -4.52 -27.06 6.70
C HIS A 57 -3.12 -27.53 7.19
N ARG A 58 -2.70 -27.02 8.36
CA ARG A 58 -1.41 -27.38 8.99
C ARG A 58 -1.45 -28.83 9.52
N ARG A 59 -2.64 -29.24 10.02
CA ARG A 59 -2.90 -30.61 10.48
C ARG A 59 -2.91 -31.59 9.29
N TRP A 60 -3.30 -31.08 8.10
CA TRP A 60 -3.27 -31.85 6.84
C TRP A 60 -1.83 -32.03 6.32
N HIS A 61 -0.90 -31.12 6.72
CA HIS A 61 0.55 -31.33 6.49
C HIS A 61 1.09 -32.46 7.39
N LYS A 62 0.58 -32.54 8.64
CA LYS A 62 0.93 -33.64 9.58
C LYS A 62 0.48 -35.01 9.01
N PRO A 63 1.37 -36.07 9.02
CA PRO A 63 0.99 -37.42 8.55
C PRO A 63 -0.03 -38.11 9.49
N ARG A 64 -0.77 -39.08 8.94
CA ARG A 64 -1.73 -39.89 9.71
C ARG A 64 -0.94 -40.92 10.56
N ALA A 1 29.03 -9.70 2.56
CA ALA A 1 28.18 -8.94 3.51
C ALA A 1 27.56 -7.71 2.79
N GLY A 2 28.41 -6.74 2.44
CA GLY A 2 27.98 -5.51 1.77
C GLY A 2 27.80 -5.70 0.27
N GLY A 3 26.78 -5.04 -0.30
CA GLY A 3 26.48 -5.14 -1.74
C GLY A 3 25.80 -6.45 -2.14
N ALA A 4 25.36 -7.23 -1.13
CA ALA A 4 24.68 -8.52 -1.33
C ALA A 4 23.22 -8.28 -1.77
N ALA A 5 22.53 -7.41 -1.01
CA ALA A 5 21.14 -7.02 -1.26
C ALA A 5 21.07 -5.98 -2.40
N ARG A 6 21.04 -6.48 -3.65
CA ARG A 6 20.88 -5.65 -4.86
C ARG A 6 19.42 -5.76 -5.37
N PRO A 7 18.81 -4.66 -5.92
CA PRO A 7 17.38 -4.65 -6.32
C PRO A 7 17.11 -5.53 -7.57
N LEU A 8 16.60 -6.75 -7.31
CA LEU A 8 16.27 -7.76 -8.35
C LEU A 8 14.75 -7.82 -8.62
N GLY A 9 13.99 -7.09 -7.79
CA GLY A 9 12.53 -7.04 -7.91
C GLY A 9 11.95 -5.99 -6.99
N GLU A 10 12.68 -4.85 -6.86
CA GLU A 10 12.35 -3.74 -5.95
C GLU A 10 10.92 -3.23 -6.16
N PHE A 11 10.14 -3.23 -5.08
CA PHE A 11 8.86 -2.53 -5.01
C PHE A 11 9.01 -1.37 -4.03
N ILE A 12 8.44 -0.24 -4.46
CA ILE A 12 8.21 0.94 -3.64
C ILE A 12 6.69 1.17 -3.64
N CYS A 13 6.08 1.37 -2.46
CA CYS A 13 4.72 1.94 -2.39
C CYS A 13 4.80 3.43 -2.04
N GLN A 14 3.80 4.19 -2.48
CA GLN A 14 3.58 5.59 -2.06
C GLN A 14 2.68 5.62 -0.82
N LEU A 15 1.65 4.74 -0.83
CA LEU A 15 0.67 4.61 0.26
C LEU A 15 1.30 3.85 1.46
N CYS A 16 1.61 2.54 1.24
CA CYS A 16 2.09 1.65 2.32
C CYS A 16 3.66 1.60 2.39
N LYS A 17 4.30 2.42 1.51
CA LYS A 17 5.74 2.81 1.54
C LYS A 17 6.79 1.69 1.83
N GLU A 18 6.86 0.68 0.96
CA GLU A 18 8.00 -0.26 0.94
C GLU A 18 9.18 0.32 0.15
N GLU A 19 10.36 -0.24 0.43
CA GLU A 19 11.52 -0.19 -0.45
C GLU A 19 12.40 -1.40 -0.09
N TYR A 20 12.52 -2.36 -1.02
CA TYR A 20 13.30 -3.62 -0.76
C TYR A 20 14.16 -4.03 -1.96
N ALA A 21 15.08 -4.98 -1.67
CA ALA A 21 15.97 -5.59 -2.67
C ALA A 21 15.76 -7.12 -2.70
N ASP A 22 15.77 -7.76 -1.49
CA ASP A 22 15.75 -9.24 -1.34
C ASP A 22 14.37 -9.83 -1.69
N PRO A 23 14.31 -11.03 -2.39
CA PRO A 23 13.04 -11.59 -2.94
C PRO A 23 12.02 -11.97 -1.84
N PHE A 24 12.52 -12.18 -0.62
CA PHE A 24 11.73 -12.69 0.52
C PHE A 24 10.80 -11.59 1.06
N ALA A 25 11.32 -10.35 1.08
CA ALA A 25 10.59 -9.17 1.56
C ALA A 25 9.46 -8.80 0.60
N LEU A 26 9.74 -8.88 -0.72
CA LEU A 26 8.74 -8.62 -1.77
C LEU A 26 7.70 -9.75 -1.83
N ALA A 27 8.09 -10.95 -1.35
CA ALA A 27 7.20 -12.13 -1.26
C ALA A 27 6.21 -11.99 -0.09
N GLN A 28 6.64 -11.28 0.97
CA GLN A 28 5.81 -11.07 2.20
C GLN A 28 5.27 -9.63 2.30
N HIS A 29 5.51 -8.80 1.26
CA HIS A 29 4.89 -7.46 1.17
C HIS A 29 3.36 -7.57 1.02
N LYS A 30 2.65 -7.04 2.01
CA LYS A 30 1.20 -6.82 1.99
C LYS A 30 0.93 -5.31 2.04
N CYS A 31 0.05 -4.79 1.15
CA CYS A 31 -0.49 -3.43 1.33
C CYS A 31 -1.50 -3.47 2.49
N SER A 32 -1.23 -2.65 3.52
CA SER A 32 -1.94 -2.71 4.81
C SER A 32 -2.29 -1.29 5.30
N ARG A 33 -1.32 -0.36 5.14
CA ARG A 33 -1.55 1.08 5.36
C ARG A 33 -2.49 1.62 4.26
N ILE A 34 -3.79 1.52 4.53
CA ILE A 34 -4.86 1.94 3.62
C ILE A 34 -5.43 3.30 4.05
N VAL A 35 -6.23 3.91 3.15
CA VAL A 35 -6.96 5.14 3.45
C VAL A 35 -8.27 4.83 4.21
N ARG A 36 -9.06 5.87 4.48
CA ARG A 36 -10.36 5.76 5.17
C ARG A 36 -11.23 6.96 4.78
N VAL A 37 -12.20 7.33 5.65
CA VAL A 37 -13.02 8.54 5.45
C VAL A 37 -12.14 9.81 5.38
N GLU A 38 -12.69 10.84 4.72
CA GLU A 38 -12.00 12.11 4.48
C GLU A 38 -12.04 13.00 5.76
N TYR A 39 -10.88 13.62 6.09
CA TYR A 39 -10.74 14.47 7.29
C TYR A 39 -10.72 15.94 6.88
N ARG A 40 -11.79 16.66 7.25
CA ARG A 40 -11.95 18.09 7.00
C ARG A 40 -11.44 18.86 8.23
N CYS A 41 -10.27 19.49 8.09
CA CYS A 41 -9.57 20.17 9.21
C CYS A 41 -10.31 21.46 9.65
N PRO A 42 -10.37 21.78 11.00
CA PRO A 42 -11.10 22.96 11.55
C PRO A 42 -10.81 24.30 10.81
N GLU A 43 -9.55 24.75 10.86
CA GLU A 43 -9.12 26.04 10.27
C GLU A 43 -8.88 25.93 8.74
N CYS A 44 -8.94 24.69 8.22
CA CYS A 44 -8.65 24.38 6.81
C CYS A 44 -9.80 23.52 6.25
N ALA A 45 -11.00 24.11 6.21
CA ALA A 45 -12.23 23.48 5.64
C ALA A 45 -12.00 22.76 4.26
N LYS A 46 -10.88 23.10 3.60
CA LYS A 46 -10.28 22.30 2.51
C LYS A 46 -10.03 20.86 3.00
N VAL A 47 -10.89 19.93 2.59
CA VAL A 47 -10.87 18.54 3.09
C VAL A 47 -9.69 17.72 2.50
N PHE A 48 -9.01 16.95 3.37
CA PHE A 48 -7.91 16.04 3.01
C PHE A 48 -8.40 14.58 2.96
N SER A 49 -7.87 13.80 2.01
CA SER A 49 -8.26 12.38 1.80
C SER A 49 -7.23 11.43 2.45
N CYS A 50 -5.95 11.82 2.41
CA CYS A 50 -4.84 11.02 2.96
C CYS A 50 -4.67 11.27 4.48
N PRO A 51 -4.95 10.23 5.36
CA PRO A 51 -4.90 10.40 6.83
C PRO A 51 -3.45 10.61 7.37
N ALA A 52 -2.47 10.04 6.65
CA ALA A 52 -1.03 10.18 6.99
C ALA A 52 -0.57 11.64 6.83
N ASN A 53 -0.94 12.24 5.68
CA ASN A 53 -0.68 13.67 5.37
C ASN A 53 -1.37 14.58 6.39
N LEU A 54 -2.64 14.23 6.72
CA LEU A 54 -3.50 15.02 7.62
C LEU A 54 -2.89 15.12 9.03
N ALA A 55 -2.37 14.00 9.55
CA ALA A 55 -1.77 13.94 10.91
C ALA A 55 -0.57 14.89 11.04
N SER A 56 0.33 14.80 10.05
CA SER A 56 1.53 15.64 9.96
C SER A 56 1.16 17.13 9.75
N HIS A 57 0.12 17.36 8.92
CA HIS A 57 -0.44 18.70 8.61
C HIS A 57 -0.92 19.42 9.89
N ARG A 58 -1.69 18.67 10.70
CA ARG A 58 -2.36 19.20 11.90
C ARG A 58 -1.33 19.66 12.93
N ARG A 59 -0.41 18.76 13.29
CA ARG A 59 0.65 19.03 14.29
C ARG A 59 1.67 20.06 13.77
N TRP A 60 1.72 20.23 12.42
CA TRP A 60 2.59 21.23 11.77
C TRP A 60 2.11 22.67 12.10
N HIS A 61 0.78 22.92 12.00
CA HIS A 61 0.23 24.29 12.25
C HIS A 61 -0.48 24.40 13.62
N LYS A 62 -0.40 23.35 14.44
CA LYS A 62 -0.91 23.33 15.82
C LYS A 62 -0.20 24.43 16.65
N PRO A 63 -0.95 25.48 17.14
CA PRO A 63 -0.35 26.66 17.83
C PRO A 63 0.12 26.35 19.27
N ARG A 64 1.14 27.11 19.73
CA ARG A 64 1.72 26.98 21.08
C ARG A 64 2.06 28.39 21.65
N ALA A 1 33.52 -1.85 -3.98
CA ALA A 1 34.45 -2.80 -3.33
C ALA A 1 33.70 -3.58 -2.24
N GLY A 2 33.77 -4.91 -2.29
CA GLY A 2 33.08 -5.78 -1.33
C GLY A 2 31.64 -6.11 -1.73
N GLY A 3 31.21 -5.60 -2.90
CA GLY A 3 29.85 -5.80 -3.40
C GLY A 3 28.87 -4.76 -2.86
N ALA A 4 27.85 -4.42 -3.65
CA ALA A 4 26.77 -3.48 -3.25
C ALA A 4 25.66 -4.20 -2.46
N ALA A 5 25.54 -5.54 -2.71
CA ALA A 5 24.59 -6.44 -1.99
C ALA A 5 23.12 -6.06 -2.23
N ARG A 6 22.86 -5.35 -3.34
CA ARG A 6 21.53 -4.84 -3.68
C ARG A 6 21.26 -5.02 -5.19
N PRO A 7 20.22 -5.82 -5.59
CA PRO A 7 19.78 -5.90 -7.00
C PRO A 7 18.90 -4.69 -7.40
N LEU A 8 19.00 -4.25 -8.66
CA LEU A 8 18.15 -3.19 -9.22
C LEU A 8 16.71 -3.73 -9.42
N GLY A 9 15.95 -3.71 -8.32
CA GLY A 9 14.61 -4.27 -8.29
C GLY A 9 13.87 -3.94 -7.00
N GLU A 10 14.28 -2.85 -6.32
CA GLU A 10 13.60 -2.34 -5.13
C GLU A 10 12.24 -1.75 -5.50
N PHE A 11 11.18 -2.30 -4.89
CA PHE A 11 9.81 -1.82 -5.07
C PHE A 11 9.56 -0.71 -4.07
N ILE A 12 8.99 0.41 -4.56
CA ILE A 12 8.58 1.57 -3.75
C ILE A 12 7.08 1.81 -3.97
N CYS A 13 6.28 1.61 -2.92
CA CYS A 13 4.85 2.02 -2.93
C CYS A 13 4.72 3.41 -2.30
N GLN A 14 3.68 4.14 -2.70
CA GLN A 14 3.37 5.45 -2.11
C GLN A 14 2.47 5.26 -0.87
N LEU A 15 1.46 4.39 -0.97
CA LEU A 15 0.47 4.18 0.13
C LEU A 15 1.02 3.23 1.22
N CYS A 16 1.72 2.15 0.82
CA CYS A 16 2.17 1.08 1.76
C CYS A 16 3.71 1.13 1.96
N LYS A 17 4.42 1.88 1.07
CA LYS A 17 5.89 2.13 1.12
C LYS A 17 6.69 0.85 1.46
N GLU A 18 6.43 -0.22 0.70
CA GLU A 18 7.07 -1.53 0.92
C GLU A 18 8.42 -1.55 0.18
N GLU A 19 9.38 -0.76 0.71
CA GLU A 19 10.72 -0.63 0.11
C GLU A 19 11.53 -1.89 0.41
N TYR A 20 11.80 -2.69 -0.63
CA TYR A 20 12.59 -3.93 -0.51
C TYR A 20 13.17 -4.32 -1.88
N ALA A 21 14.42 -4.77 -1.90
CA ALA A 21 15.10 -5.29 -3.11
C ALA A 21 15.15 -6.84 -3.09
N ASP A 22 14.99 -7.43 -1.89
CA ASP A 22 15.12 -8.88 -1.69
C ASP A 22 13.77 -9.60 -1.98
N PRO A 23 13.79 -10.80 -2.66
CA PRO A 23 12.55 -11.51 -3.07
C PRO A 23 11.75 -12.10 -1.87
N PHE A 24 12.41 -12.20 -0.70
CA PHE A 24 11.82 -12.79 0.53
C PHE A 24 10.70 -11.89 1.07
N ALA A 25 11.01 -10.59 1.17
CA ALA A 25 10.08 -9.59 1.69
C ALA A 25 9.07 -9.12 0.61
N LEU A 26 9.40 -9.38 -0.68
CA LEU A 26 8.42 -9.23 -1.78
C LEU A 26 7.39 -10.37 -1.74
N ALA A 27 7.77 -11.52 -1.16
CA ALA A 27 6.81 -12.61 -0.88
C ALA A 27 5.94 -12.25 0.35
N GLN A 28 6.55 -11.48 1.29
CA GLN A 28 5.86 -10.98 2.51
C GLN A 28 5.15 -9.63 2.27
N HIS A 29 5.30 -9.05 1.06
CA HIS A 29 4.71 -7.73 0.68
C HIS A 29 3.20 -7.66 1.02
N LYS A 30 2.83 -6.71 1.90
CA LYS A 30 1.44 -6.42 2.27
C LYS A 30 1.05 -5.05 1.68
N CYS A 31 0.35 -5.07 0.54
CA CYS A 31 -0.25 -3.86 -0.04
C CYS A 31 -1.66 -3.69 0.56
N SER A 32 -1.89 -2.55 1.22
CA SER A 32 -3.15 -2.27 1.89
C SER A 32 -3.30 -0.76 2.11
N ARG A 33 -4.55 -0.33 2.33
CA ARG A 33 -4.88 1.06 2.69
C ARG A 33 -4.59 1.30 4.18
N ILE A 34 -4.45 2.59 4.56
CA ILE A 34 -4.25 3.00 5.96
C ILE A 34 -5.55 2.81 6.77
N VAL A 35 -5.44 2.88 8.12
CA VAL A 35 -6.55 2.61 9.04
C VAL A 35 -7.76 3.55 8.81
N ARG A 36 -8.96 3.03 9.06
CA ARG A 36 -10.23 3.75 8.89
C ARG A 36 -11.24 3.23 9.92
N VAL A 37 -12.49 3.72 9.84
CA VAL A 37 -13.56 3.32 10.78
C VAL A 37 -14.38 2.14 10.21
N GLU A 38 -14.63 1.16 11.08
CA GLU A 38 -15.54 0.04 10.84
C GLU A 38 -16.73 0.16 11.80
N TYR A 39 -17.94 -0.01 11.28
CA TYR A 39 -19.17 -0.09 12.09
C TYR A 39 -19.94 -1.37 11.71
N ARG A 40 -20.60 -1.98 12.69
CA ARG A 40 -21.30 -3.26 12.51
C ARG A 40 -22.63 -3.21 13.27
N CYS A 41 -23.74 -3.41 12.53
CA CYS A 41 -25.10 -3.52 13.12
C CYS A 41 -25.25 -4.87 13.86
N PRO A 42 -26.09 -4.94 14.93
CA PRO A 42 -26.44 -6.23 15.58
C PRO A 42 -27.35 -7.12 14.68
N GLU A 43 -28.20 -6.48 13.86
CA GLU A 43 -29.15 -7.18 12.96
C GLU A 43 -28.48 -7.44 11.59
N CYS A 44 -27.79 -6.39 11.09
CA CYS A 44 -27.02 -6.43 9.84
C CYS A 44 -25.54 -6.71 10.18
N ALA A 45 -25.30 -7.90 10.77
CA ALA A 45 -23.97 -8.36 11.29
C ALA A 45 -22.77 -8.15 10.31
N LYS A 46 -23.05 -7.89 9.03
CA LYS A 46 -22.03 -7.48 8.04
C LYS A 46 -21.38 -6.15 8.45
N VAL A 47 -20.08 -6.00 8.14
CA VAL A 47 -19.32 -4.78 8.47
C VAL A 47 -19.60 -3.69 7.41
N PHE A 48 -19.54 -2.43 7.83
CA PHE A 48 -19.69 -1.25 6.97
C PHE A 48 -18.48 -0.34 7.21
N SER A 49 -17.78 0.03 6.15
CA SER A 49 -16.58 0.89 6.23
C SER A 49 -16.96 2.38 6.07
N CYS A 50 -18.12 2.61 5.41
CA CYS A 50 -18.61 3.95 5.06
C CYS A 50 -19.38 4.58 6.25
N PRO A 51 -18.77 5.57 6.98
CA PRO A 51 -19.32 6.10 8.26
C PRO A 51 -20.64 6.89 8.10
N ALA A 52 -20.66 7.86 7.15
CA ALA A 52 -21.82 8.75 6.93
C ALA A 52 -23.01 7.96 6.34
N ASN A 53 -22.68 7.00 5.48
CA ASN A 53 -23.67 6.09 4.86
C ASN A 53 -24.29 5.17 5.92
N LEU A 54 -23.45 4.70 6.86
CA LEU A 54 -23.88 3.81 7.96
C LEU A 54 -24.77 4.57 8.98
N ALA A 55 -24.47 5.86 9.18
CA ALA A 55 -25.28 6.74 10.06
C ALA A 55 -26.68 6.91 9.47
N SER A 56 -26.72 7.17 8.15
CA SER A 56 -27.97 7.28 7.37
C SER A 56 -28.74 5.93 7.36
N HIS A 57 -27.97 4.83 7.29
CA HIS A 57 -28.48 3.45 7.23
C HIS A 57 -29.23 3.08 8.54
N ARG A 58 -28.64 3.44 9.69
CA ARG A 58 -29.22 3.12 11.03
C ARG A 58 -30.51 3.90 11.27
N ARG A 59 -30.46 5.23 11.02
CA ARG A 59 -31.63 6.11 11.15
C ARG A 59 -32.70 5.79 10.09
N TRP A 60 -32.32 5.04 9.04
CA TRP A 60 -33.25 4.54 8.01
C TRP A 60 -34.10 3.38 8.58
N HIS A 61 -33.47 2.40 9.26
CA HIS A 61 -34.19 1.18 9.72
C HIS A 61 -34.31 1.11 11.26
N LYS A 62 -34.22 2.29 11.92
CA LYS A 62 -34.51 2.42 13.37
C LYS A 62 -35.92 1.86 13.72
N PRO A 63 -36.13 1.29 14.97
CA PRO A 63 -37.45 0.75 15.42
C PRO A 63 -38.62 1.72 15.18
N ARG A 64 -39.37 1.47 14.09
CA ARG A 64 -40.50 2.30 13.61
C ARG A 64 -40.02 3.70 13.16
N ALA A 1 24.70 -7.83 7.82
CA ALA A 1 24.39 -8.16 6.41
C ALA A 1 23.30 -9.26 6.35
N GLY A 2 22.42 -9.15 5.34
CA GLY A 2 21.33 -10.10 5.13
C GLY A 2 20.72 -9.89 3.75
N GLY A 3 20.62 -10.97 2.97
CA GLY A 3 20.13 -10.93 1.59
C GLY A 3 21.17 -11.54 0.64
N ALA A 4 21.47 -10.81 -0.46
CA ALA A 4 22.51 -11.20 -1.46
C ALA A 4 22.23 -12.54 -2.19
N ALA A 5 21.07 -13.16 -1.90
CA ALA A 5 20.68 -14.47 -2.46
C ALA A 5 19.68 -14.23 -3.61
N ARG A 6 20.25 -13.72 -4.74
CA ARG A 6 19.49 -13.31 -5.94
C ARG A 6 18.44 -12.22 -5.60
N PRO A 7 18.88 -10.93 -5.41
CA PRO A 7 17.99 -9.81 -5.07
C PRO A 7 17.30 -9.18 -6.32
N LEU A 8 16.01 -8.81 -6.17
CA LEU A 8 15.27 -8.00 -7.16
C LEU A 8 15.62 -6.52 -6.97
N GLY A 9 15.03 -5.65 -7.81
CA GLY A 9 15.09 -4.20 -7.60
C GLY A 9 14.17 -3.76 -6.45
N GLU A 10 14.33 -2.52 -5.98
CA GLU A 10 13.44 -1.97 -4.94
C GLU A 10 12.07 -1.61 -5.54
N PHE A 11 11.03 -2.23 -4.99
CA PHE A 11 9.64 -1.91 -5.28
C PHE A 11 9.17 -0.95 -4.17
N ILE A 12 9.06 0.35 -4.51
CA ILE A 12 8.62 1.39 -3.58
C ILE A 12 7.14 1.70 -3.84
N CYS A 13 6.30 1.53 -2.82
CA CYS A 13 4.91 2.05 -2.83
C CYS A 13 4.87 3.42 -2.12
N GLN A 14 4.01 4.32 -2.61
CA GLN A 14 3.70 5.60 -1.93
C GLN A 14 2.51 5.43 -0.95
N LEU A 15 1.67 4.41 -1.18
CA LEU A 15 0.52 4.10 -0.30
C LEU A 15 1.00 3.23 0.90
N CYS A 16 1.35 1.96 0.61
CA CYS A 16 1.68 0.97 1.68
C CYS A 16 3.16 1.08 2.10
N LYS A 17 4.00 1.77 1.26
CA LYS A 17 5.47 2.01 1.47
C LYS A 17 6.27 0.76 1.95
N GLU A 18 5.78 -0.43 1.59
CA GLU A 18 6.50 -1.70 1.77
C GLU A 18 7.59 -1.78 0.68
N GLU A 19 8.71 -1.11 0.97
CA GLU A 19 9.85 -0.93 0.06
C GLU A 19 10.86 -2.05 0.26
N TYR A 20 11.07 -2.90 -0.78
CA TYR A 20 11.88 -4.13 -0.64
C TYR A 20 12.65 -4.45 -1.93
N ALA A 21 13.81 -5.10 -1.77
CA ALA A 21 14.68 -5.55 -2.88
C ALA A 21 14.71 -7.09 -2.96
N ASP A 22 14.94 -7.78 -1.82
CA ASP A 22 15.17 -9.25 -1.82
C ASP A 22 13.84 -10.03 -2.02
N PRO A 23 13.87 -11.27 -2.64
CA PRO A 23 12.64 -12.00 -3.07
C PRO A 23 11.71 -12.42 -1.90
N PHE A 24 12.30 -12.60 -0.70
CA PHE A 24 11.58 -13.07 0.50
C PHE A 24 10.72 -11.94 1.06
N ALA A 25 11.30 -10.73 1.02
CA ALA A 25 10.62 -9.52 1.48
C ALA A 25 9.54 -9.08 0.47
N LEU A 26 9.76 -9.38 -0.83
CA LEU A 26 8.72 -9.18 -1.87
C LEU A 26 7.55 -10.18 -1.69
N ALA A 27 7.85 -11.38 -1.19
CA ALA A 27 6.84 -12.37 -0.83
C ALA A 27 6.10 -11.95 0.46
N GLN A 28 6.75 -11.08 1.26
CA GLN A 28 6.20 -10.54 2.53
C GLN A 28 5.67 -9.08 2.37
N HIS A 29 5.77 -8.53 1.14
CA HIS A 29 5.19 -7.21 0.76
C HIS A 29 3.65 -7.20 0.98
N LYS A 30 3.17 -6.29 1.85
CA LYS A 30 1.73 -6.14 2.18
C LYS A 30 1.20 -4.79 1.64
N CYS A 31 0.45 -4.81 0.52
CA CYS A 31 -0.31 -3.61 0.08
C CYS A 31 -1.58 -3.49 0.94
N SER A 32 -1.74 -2.34 1.60
CA SER A 32 -2.90 -2.02 2.45
C SER A 32 -4.09 -1.60 1.57
N ARG A 33 -5.24 -1.33 2.23
CA ARG A 33 -6.45 -0.78 1.58
C ARG A 33 -6.24 0.72 1.24
N ILE A 34 -7.30 1.35 0.69
CA ILE A 34 -7.28 2.78 0.35
C ILE A 34 -7.04 3.63 1.62
N VAL A 35 -6.09 4.57 1.52
CA VAL A 35 -5.71 5.48 2.61
C VAL A 35 -6.88 6.41 3.00
N ARG A 36 -6.85 6.90 4.25
CA ARG A 36 -7.87 7.80 4.82
C ARG A 36 -7.82 9.22 4.18
N VAL A 37 -8.53 10.18 4.81
CA VAL A 37 -8.52 11.59 4.39
C VAL A 37 -7.07 12.16 4.42
N GLU A 38 -6.69 12.77 3.30
CA GLU A 38 -5.37 13.38 3.11
C GLU A 38 -5.38 14.79 3.72
N TYR A 39 -4.20 15.30 4.14
CA TYR A 39 -4.10 16.58 4.87
C TYR A 39 -3.18 17.57 4.13
N ARG A 40 -3.72 18.77 3.90
CA ARG A 40 -3.06 19.91 3.22
C ARG A 40 -2.33 20.77 4.26
N CYS A 41 -1.12 21.26 3.90
CA CYS A 41 -0.23 22.00 4.80
C CYS A 41 -0.19 23.51 4.44
N PRO A 42 -0.05 24.46 5.44
CA PRO A 42 0.02 25.94 5.16
C PRO A 42 1.14 26.36 4.17
N GLU A 43 2.41 26.12 4.55
CA GLU A 43 3.59 26.50 3.74
C GLU A 43 3.67 25.65 2.45
N CYS A 44 3.22 24.39 2.57
CA CYS A 44 3.20 23.40 1.48
C CYS A 44 1.75 23.20 1.03
N ALA A 45 1.14 24.29 0.52
CA ALA A 45 -0.30 24.38 0.13
C ALA A 45 -0.88 23.17 -0.68
N LYS A 46 0.00 22.25 -1.12
CA LYS A 46 -0.40 20.94 -1.68
C LYS A 46 -0.85 19.98 -0.56
N VAL A 47 -1.46 18.84 -0.94
CA VAL A 47 -2.00 17.84 0.00
C VAL A 47 -1.01 16.67 0.17
N PHE A 48 -1.11 15.96 1.31
CA PHE A 48 -0.23 14.80 1.65
C PHE A 48 -1.09 13.55 1.89
N SER A 49 -0.73 12.45 1.21
CA SER A 49 -1.46 11.16 1.24
C SER A 49 -1.04 10.27 2.42
N CYS A 50 -0.22 10.82 3.32
CA CYS A 50 0.28 10.10 4.49
C CYS A 50 -0.03 10.92 5.76
N PRO A 51 -1.22 10.66 6.44
CA PRO A 51 -1.66 11.39 7.65
C PRO A 51 -0.61 11.45 8.80
N ALA A 52 0.02 10.31 9.08
CA ALA A 52 1.00 10.16 10.18
C ALA A 52 2.31 10.90 9.86
N ASN A 53 2.74 10.79 8.59
CA ASN A 53 3.91 11.52 8.08
C ASN A 53 3.65 13.04 8.13
N LEU A 54 2.40 13.44 7.84
CA LEU A 54 1.98 14.85 7.86
C LEU A 54 2.04 15.39 9.30
N ALA A 55 1.71 14.55 10.28
CA ALA A 55 1.75 14.92 11.72
C ALA A 55 3.19 15.28 12.15
N SER A 56 4.13 14.37 11.85
CA SER A 56 5.58 14.57 12.12
C SER A 56 6.17 15.72 11.24
N HIS A 57 5.56 15.93 10.07
CA HIS A 57 5.87 17.02 9.12
C HIS A 57 5.48 18.39 9.73
N ARG A 58 4.40 18.40 10.53
CA ARG A 58 3.99 19.60 11.30
C ARG A 58 5.00 19.89 12.42
N ARG A 59 5.56 18.81 13.00
CA ARG A 59 6.58 18.91 14.07
C ARG A 59 7.94 19.35 13.49
N TRP A 60 8.08 19.31 12.15
CA TRP A 60 9.21 19.97 11.44
C TRP A 60 8.94 21.48 11.31
N HIS A 61 7.65 21.84 11.08
CA HIS A 61 7.22 23.26 10.96
C HIS A 61 7.05 23.97 12.31
N LYS A 62 7.22 23.25 13.44
CA LYS A 62 7.17 23.86 14.81
C LYS A 62 8.07 25.13 14.91
N PRO A 63 7.48 26.33 15.24
CA PRO A 63 8.28 27.57 15.40
C PRO A 63 9.19 27.49 16.65
N ARG A 64 10.50 27.44 16.39
CA ARG A 64 11.54 27.30 17.41
C ARG A 64 12.52 28.49 17.30
N ALA A 1 18.89 -0.52 6.95
CA ALA A 1 19.69 -1.71 6.59
C ALA A 1 20.98 -1.75 7.41
N GLY A 2 21.57 -2.97 7.54
CA GLY A 2 22.79 -3.17 8.31
C GLY A 2 23.59 -4.37 7.79
N GLY A 3 24.81 -4.13 7.29
CA GLY A 3 25.65 -5.17 6.69
C GLY A 3 25.18 -5.52 5.29
N ALA A 4 24.12 -6.35 5.22
CA ALA A 4 23.45 -6.69 3.95
C ALA A 4 22.61 -5.48 3.48
N ALA A 5 23.20 -4.67 2.61
CA ALA A 5 22.61 -3.41 2.14
C ALA A 5 22.91 -3.22 0.63
N ARG A 6 22.47 -4.19 -0.18
CA ARG A 6 22.55 -4.12 -1.65
C ARG A 6 21.14 -3.88 -2.22
N PRO A 7 20.78 -2.60 -2.57
CA PRO A 7 19.45 -2.26 -3.07
C PRO A 7 19.33 -2.51 -4.59
N LEU A 8 19.25 -3.80 -4.96
CA LEU A 8 19.20 -4.25 -6.36
C LEU A 8 17.74 -4.49 -6.78
N GLY A 9 17.14 -3.48 -7.44
CA GLY A 9 15.76 -3.55 -7.93
C GLY A 9 14.72 -3.37 -6.83
N GLU A 10 14.93 -2.37 -5.95
CA GLU A 10 13.98 -2.04 -4.87
C GLU A 10 12.65 -1.49 -5.45
N PHE A 11 11.55 -2.14 -5.09
CA PHE A 11 10.19 -1.71 -5.44
C PHE A 11 9.69 -0.78 -4.33
N ILE A 12 9.39 0.48 -4.70
CA ILE A 12 8.78 1.44 -3.78
C ILE A 12 7.26 1.40 -3.99
N CYS A 13 6.54 0.83 -3.03
CA CYS A 13 5.08 0.90 -2.99
C CYS A 13 4.69 2.07 -2.10
N GLN A 14 4.16 3.16 -2.66
CA GLN A 14 3.75 4.34 -1.87
C GLN A 14 2.51 4.02 -1.02
N LEU A 15 1.73 3.02 -1.46
CA LEU A 15 0.49 2.56 -0.80
C LEU A 15 0.77 1.97 0.60
N CYS A 16 1.97 1.39 0.78
CA CYS A 16 2.39 0.77 2.05
C CYS A 16 3.68 1.44 2.58
N LYS A 17 4.37 2.19 1.68
CA LYS A 17 5.70 2.84 1.91
C LYS A 17 6.82 1.77 2.03
N GLU A 18 6.50 0.52 1.65
CA GLU A 18 7.42 -0.61 1.75
C GLU A 18 8.34 -0.66 0.51
N GLU A 19 9.65 -0.45 0.77
CA GLU A 19 10.72 -0.54 -0.23
C GLU A 19 11.53 -1.80 0.05
N TYR A 20 11.56 -2.73 -0.93
CA TYR A 20 12.24 -4.03 -0.78
C TYR A 20 13.00 -4.39 -2.07
N ALA A 21 14.27 -4.78 -1.92
CA ALA A 21 15.10 -5.33 -3.02
C ALA A 21 15.13 -6.87 -2.96
N ASP A 22 14.81 -7.43 -1.78
CA ASP A 22 14.83 -8.89 -1.53
C ASP A 22 13.50 -9.54 -1.97
N PRO A 23 13.53 -10.65 -2.79
CA PRO A 23 12.31 -11.30 -3.35
C PRO A 23 11.33 -11.83 -2.27
N PHE A 24 11.88 -12.36 -1.16
CA PHE A 24 11.07 -12.93 -0.05
C PHE A 24 10.35 -11.79 0.71
N ALA A 25 11.02 -10.64 0.76
CA ALA A 25 10.51 -9.42 1.39
C ALA A 25 9.38 -8.81 0.53
N LEU A 26 9.47 -8.93 -0.82
CA LEU A 26 8.37 -8.56 -1.75
C LEU A 26 7.14 -9.46 -1.52
N ALA A 27 7.38 -10.73 -1.20
CA ALA A 27 6.30 -11.69 -0.92
C ALA A 27 5.66 -11.41 0.46
N GLN A 28 6.42 -10.78 1.38
CA GLN A 28 5.92 -10.40 2.72
C GLN A 28 5.38 -8.95 2.74
N HIS A 29 5.60 -8.21 1.64
CA HIS A 29 4.97 -6.89 1.40
C HIS A 29 3.44 -7.05 1.32
N LYS A 30 2.72 -6.31 2.20
CA LYS A 30 1.26 -6.41 2.33
C LYS A 30 0.57 -5.14 1.79
N CYS A 31 -0.06 -5.23 0.61
CA CYS A 31 -0.96 -4.16 0.13
C CYS A 31 -2.29 -4.22 0.91
N SER A 32 -2.60 -3.10 1.57
CA SER A 32 -3.73 -2.96 2.50
C SER A 32 -3.80 -1.46 2.87
N ARG A 33 -4.33 -1.15 4.07
CA ARG A 33 -4.17 0.17 4.71
C ARG A 33 -2.68 0.42 5.06
N ILE A 34 -2.35 1.65 5.49
CA ILE A 34 -0.96 2.02 5.88
C ILE A 34 -0.63 1.59 7.34
N VAL A 35 -0.83 0.27 7.59
CA VAL A 35 -0.59 -0.38 8.89
C VAL A 35 0.07 -1.75 8.62
N ARG A 36 1.33 -1.93 9.10
CA ARG A 36 2.01 -3.24 9.05
C ARG A 36 1.44 -4.18 10.14
N VAL A 37 1.43 -5.47 9.82
CA VAL A 37 0.90 -6.52 10.71
C VAL A 37 1.86 -6.80 11.90
N GLU A 38 1.32 -6.65 13.12
CA GLU A 38 2.07 -6.87 14.38
C GLU A 38 1.92 -8.34 14.81
N TYR A 39 3.03 -8.96 15.27
CA TYR A 39 3.02 -10.36 15.79
C TYR A 39 3.62 -10.42 17.21
N ARG A 40 2.91 -11.12 18.11
CA ARG A 40 3.33 -11.32 19.52
C ARG A 40 4.26 -12.54 19.63
N CYS A 41 5.29 -12.42 20.49
CA CYS A 41 6.18 -13.54 20.85
C CYS A 41 5.68 -14.19 22.16
N PRO A 42 5.58 -15.56 22.25
CA PRO A 42 5.08 -16.28 23.45
C PRO A 42 5.82 -15.87 24.76
N GLU A 43 7.15 -16.05 24.76
CA GLU A 43 8.01 -15.80 25.95
C GLU A 43 8.15 -14.29 26.27
N CYS A 44 7.86 -13.45 25.27
CA CYS A 44 8.01 -11.98 25.35
C CYS A 44 6.70 -11.34 24.88
N ALA A 45 5.62 -11.58 25.67
CA ALA A 45 4.21 -11.20 25.37
C ALA A 45 3.99 -9.76 24.77
N LYS A 46 5.04 -8.92 24.78
CA LYS A 46 5.08 -7.68 23.97
C LYS A 46 4.84 -8.02 22.47
N VAL A 47 3.92 -7.29 21.82
CA VAL A 47 3.64 -7.46 20.39
C VAL A 47 4.60 -6.57 19.58
N PHE A 48 5.29 -7.17 18.59
CA PHE A 48 6.31 -6.49 17.75
C PHE A 48 5.66 -6.04 16.42
N SER A 49 5.80 -4.75 16.09
CA SER A 49 5.15 -4.14 14.91
C SER A 49 5.88 -4.49 13.59
N CYS A 50 7.18 -4.81 13.68
CA CYS A 50 8.01 -5.21 12.54
C CYS A 50 8.06 -6.75 12.42
N PRO A 51 7.40 -7.38 11.39
CA PRO A 51 7.37 -8.86 11.22
C PRO A 51 8.76 -9.44 10.88
N ALA A 52 9.60 -8.63 10.20
CA ALA A 52 10.98 -9.00 9.84
C ALA A 52 11.85 -9.14 11.10
N ASN A 53 11.73 -8.14 11.99
CA ASN A 53 12.47 -8.10 13.28
C ASN A 53 11.95 -9.16 14.25
N LEU A 54 10.62 -9.48 14.18
CA LEU A 54 9.99 -10.52 15.02
C LEU A 54 10.60 -11.90 14.71
N ALA A 55 10.79 -12.19 13.41
CA ALA A 55 11.37 -13.45 12.93
C ALA A 55 12.83 -13.60 13.44
N SER A 56 13.62 -12.55 13.22
CA SER A 56 15.05 -12.49 13.62
C SER A 56 15.21 -12.53 15.17
N HIS A 57 14.20 -11.99 15.87
CA HIS A 57 14.12 -11.98 17.35
C HIS A 57 13.92 -13.42 17.90
N ARG A 58 13.04 -14.17 17.23
CA ARG A 58 12.74 -15.58 17.61
C ARG A 58 13.97 -16.47 17.38
N ARG A 59 14.66 -16.23 16.26
CA ARG A 59 15.93 -16.91 15.92
C ARG A 59 17.02 -16.59 16.96
N TRP A 60 17.01 -15.33 17.44
CA TRP A 60 17.98 -14.79 18.42
C TRP A 60 17.89 -15.50 19.79
N HIS A 61 16.68 -15.96 20.19
CA HIS A 61 16.51 -16.69 21.48
C HIS A 61 15.71 -18.01 21.31
N LYS A 62 15.79 -18.62 20.11
CA LYS A 62 15.20 -19.95 19.83
C LYS A 62 15.73 -21.03 20.83
N PRO A 63 14.82 -21.89 21.43
CA PRO A 63 15.19 -22.90 22.46
C PRO A 63 16.43 -23.75 22.10
N ARG A 64 17.49 -23.61 22.90
CA ARG A 64 18.80 -24.26 22.68
C ARG A 64 19.31 -24.86 24.01
N ALA A 1 21.58 -12.15 12.96
CA ALA A 1 20.15 -12.20 12.57
C ALA A 1 20.03 -12.45 11.06
N GLY A 2 20.71 -11.62 10.25
CA GLY A 2 20.71 -11.75 8.78
C GLY A 2 20.66 -10.39 8.09
N GLY A 3 21.82 -9.70 8.05
CA GLY A 3 21.94 -8.39 7.40
C GLY A 3 22.26 -8.50 5.91
N ALA A 4 21.38 -9.19 5.16
CA ALA A 4 21.57 -9.44 3.72
C ALA A 4 21.06 -8.24 2.89
N ALA A 5 21.91 -7.20 2.76
CA ALA A 5 21.62 -6.02 1.94
C ALA A 5 22.00 -6.30 0.47
N ARG A 6 21.04 -6.91 -0.27
CA ARG A 6 21.24 -7.35 -1.66
C ARG A 6 20.31 -6.58 -2.62
N PRO A 7 20.84 -5.55 -3.38
CA PRO A 7 20.04 -4.78 -4.35
C PRO A 7 19.72 -5.58 -5.63
N LEU A 8 18.70 -6.45 -5.54
CA LEU A 8 18.26 -7.32 -6.65
C LEU A 8 17.12 -6.67 -7.46
N GLY A 9 16.47 -5.66 -6.87
CA GLY A 9 15.32 -5.00 -7.47
C GLY A 9 14.46 -4.31 -6.42
N GLU A 10 14.71 -3.01 -6.21
CA GLU A 10 14.02 -2.23 -5.15
C GLU A 10 12.64 -1.81 -5.67
N PHE A 11 11.60 -2.21 -4.93
CA PHE A 11 10.21 -1.81 -5.21
C PHE A 11 9.75 -0.83 -4.14
N ILE A 12 9.27 0.34 -4.58
CA ILE A 12 8.63 1.34 -3.72
C ILE A 12 7.14 1.34 -4.03
N CYS A 13 6.31 1.09 -3.02
CA CYS A 13 4.86 1.36 -3.12
C CYS A 13 4.57 2.72 -2.47
N GLN A 14 3.66 3.48 -3.08
CA GLN A 14 3.04 4.64 -2.41
C GLN A 14 1.92 4.15 -1.47
N LEU A 15 1.37 2.96 -1.79
CA LEU A 15 0.30 2.30 -1.03
C LEU A 15 0.85 1.55 0.22
N CYS A 16 2.16 1.28 0.25
CA CYS A 16 2.79 0.51 1.36
C CYS A 16 4.04 1.23 1.92
N LYS A 17 4.36 2.46 1.36
CA LYS A 17 5.57 3.29 1.68
C LYS A 17 6.90 2.48 1.74
N GLU A 18 6.93 1.31 1.08
CA GLU A 18 7.99 0.31 1.26
C GLU A 18 9.25 0.65 0.44
N GLU A 19 10.34 -0.04 0.78
CA GLU A 19 11.53 -0.17 -0.07
C GLU A 19 12.14 -1.54 0.20
N TYR A 20 12.08 -2.42 -0.82
CA TYR A 20 12.54 -3.83 -0.69
C TYR A 20 13.20 -4.31 -1.98
N ALA A 21 14.47 -4.71 -1.85
CA ALA A 21 15.25 -5.33 -2.94
C ALA A 21 15.29 -6.87 -2.79
N ASP A 22 14.76 -7.35 -1.65
CA ASP A 22 14.82 -8.76 -1.25
C ASP A 22 13.58 -9.54 -1.76
N PRO A 23 13.77 -10.70 -2.47
CA PRO A 23 12.66 -11.47 -3.09
C PRO A 23 11.67 -12.05 -2.03
N PHE A 24 12.20 -12.38 -0.83
CA PHE A 24 11.40 -12.95 0.28
C PHE A 24 10.50 -11.86 0.89
N ALA A 25 10.98 -10.60 0.83
CA ALA A 25 10.26 -9.43 1.34
C ALA A 25 9.08 -9.07 0.42
N LEU A 26 9.30 -9.17 -0.91
CA LEU A 26 8.22 -8.97 -1.92
C LEU A 26 7.22 -10.14 -1.89
N ALA A 27 7.69 -11.32 -1.45
CA ALA A 27 6.85 -12.53 -1.31
C ALA A 27 5.94 -12.40 -0.07
N GLN A 28 6.48 -11.81 1.01
CA GLN A 28 5.74 -11.52 2.26
C GLN A 28 4.82 -10.29 2.08
N HIS A 29 5.20 -9.41 1.12
CA HIS A 29 4.40 -8.25 0.72
C HIS A 29 3.31 -8.69 -0.27
N LYS A 30 2.05 -8.51 0.13
CA LYS A 30 0.88 -8.65 -0.76
C LYS A 30 0.21 -7.28 -0.91
N CYS A 31 0.27 -6.72 -2.13
CA CYS A 31 -0.54 -5.55 -2.50
C CYS A 31 -1.98 -6.04 -2.78
N SER A 32 -2.99 -5.33 -2.25
CA SER A 32 -4.41 -5.76 -2.30
C SER A 32 -4.95 -5.94 -3.75
N ARG A 33 -4.30 -5.29 -4.74
CA ARG A 33 -4.75 -5.33 -6.15
C ARG A 33 -3.97 -6.36 -7.02
N ILE A 34 -3.31 -7.35 -6.38
CA ILE A 34 -2.60 -8.44 -7.13
C ILE A 34 -3.51 -9.66 -7.35
N VAL A 35 -4.78 -9.50 -6.99
CA VAL A 35 -5.79 -10.58 -7.03
C VAL A 35 -6.45 -10.63 -8.42
N ARG A 36 -6.32 -11.78 -9.09
CA ARG A 36 -6.76 -11.95 -10.48
C ARG A 36 -7.18 -13.42 -10.72
N VAL A 37 -7.53 -13.76 -11.98
CA VAL A 37 -7.87 -15.15 -12.37
C VAL A 37 -6.58 -16.01 -12.46
N GLU A 38 -6.18 -16.53 -11.30
CA GLU A 38 -4.90 -17.23 -11.12
C GLU A 38 -5.14 -18.56 -10.37
N TYR A 39 -4.57 -19.66 -10.89
CA TYR A 39 -4.69 -21.00 -10.28
C TYR A 39 -3.30 -21.63 -10.07
N ARG A 40 -3.10 -22.22 -8.90
CA ARG A 40 -1.85 -22.89 -8.51
C ARG A 40 -1.95 -24.40 -8.79
N CYS A 41 -0.89 -24.97 -9.37
CA CYS A 41 -0.76 -26.43 -9.57
C CYS A 41 0.09 -27.00 -8.42
N PRO A 42 -0.49 -27.84 -7.49
CA PRO A 42 0.26 -28.44 -6.33
C PRO A 42 1.65 -29.05 -6.68
N GLU A 43 1.76 -29.73 -7.84
CA GLU A 43 3.01 -30.35 -8.31
C GLU A 43 4.07 -29.30 -8.76
N CYS A 44 3.57 -28.16 -9.26
CA CYS A 44 4.39 -27.04 -9.78
C CYS A 44 3.93 -25.76 -9.07
N ALA A 45 4.02 -25.78 -7.72
CA ALA A 45 3.38 -24.81 -6.78
C ALA A 45 3.50 -23.30 -7.12
N LYS A 46 4.28 -22.95 -8.15
CA LYS A 46 4.22 -21.62 -8.80
C LYS A 46 2.78 -21.36 -9.32
N VAL A 47 2.21 -20.18 -9.01
CA VAL A 47 0.85 -19.81 -9.45
C VAL A 47 0.86 -19.34 -10.93
N PHE A 48 -0.10 -19.84 -11.73
CA PHE A 48 -0.25 -19.49 -13.15
C PHE A 48 -1.41 -18.49 -13.29
N SER A 49 -1.14 -17.35 -13.95
CA SER A 49 -2.09 -16.22 -14.05
C SER A 49 -3.02 -16.35 -15.28
N CYS A 50 -2.71 -17.32 -16.17
CA CYS A 50 -3.48 -17.58 -17.39
C CYS A 50 -4.36 -18.84 -17.21
N PRO A 51 -5.73 -18.70 -17.12
CA PRO A 51 -6.64 -19.87 -16.91
C PRO A 51 -6.66 -20.82 -18.13
N ALA A 52 -6.45 -20.26 -19.33
CA ALA A 52 -6.42 -21.02 -20.59
C ALA A 52 -5.14 -21.90 -20.67
N ASN A 53 -4.01 -21.30 -20.27
CA ASN A 53 -2.70 -21.99 -20.24
C ASN A 53 -2.63 -22.98 -19.05
N LEU A 54 -3.38 -22.69 -17.97
CA LEU A 54 -3.48 -23.56 -16.79
C LEU A 54 -4.34 -24.80 -17.11
N ALA A 55 -5.38 -24.60 -17.95
CA ALA A 55 -6.21 -25.70 -18.47
C ALA A 55 -5.35 -26.66 -19.30
N SER A 56 -4.57 -26.05 -20.22
CA SER A 56 -3.60 -26.77 -21.05
C SER A 56 -2.54 -27.50 -20.20
N HIS A 57 -2.12 -26.84 -19.11
CA HIS A 57 -1.09 -27.34 -18.18
C HIS A 57 -1.54 -28.65 -17.49
N ARG A 58 -2.81 -28.67 -17.03
CA ARG A 58 -3.35 -29.81 -16.28
C ARG A 58 -3.66 -31.01 -17.20
N ARG A 59 -4.08 -30.75 -18.46
CA ARG A 59 -4.34 -31.85 -19.43
C ARG A 59 -3.02 -32.45 -19.96
N TRP A 60 -1.88 -31.72 -19.79
CA TRP A 60 -0.52 -32.29 -20.03
C TRP A 60 -0.19 -33.30 -18.91
N HIS A 61 -0.59 -32.97 -17.66
CA HIS A 61 -0.40 -33.87 -16.50
C HIS A 61 -1.28 -35.15 -16.61
N LYS A 62 -2.61 -34.97 -16.49
CA LYS A 62 -3.59 -36.05 -16.26
C LYS A 62 -3.58 -37.11 -17.40
N PRO A 63 -3.77 -38.44 -17.07
CA PRO A 63 -3.52 -39.55 -18.03
C PRO A 63 -4.41 -39.47 -19.30
N ARG A 64 -3.81 -39.84 -20.45
CA ARG A 64 -4.49 -39.80 -21.75
C ARG A 64 -5.38 -41.05 -21.91
N ALA A 1 34.16 -0.97 -1.21
CA ALA A 1 32.85 -0.77 -1.88
C ALA A 1 32.21 -2.14 -2.17
N GLY A 2 32.79 -2.87 -3.15
CA GLY A 2 32.38 -4.24 -3.48
C GLY A 2 31.00 -4.33 -4.12
N GLY A 3 29.95 -4.47 -3.27
CA GLY A 3 28.57 -4.69 -3.73
C GLY A 3 28.37 -6.07 -4.38
N ALA A 4 27.41 -6.16 -5.31
CA ALA A 4 27.09 -7.40 -6.06
C ALA A 4 26.08 -7.11 -7.18
N ALA A 5 26.15 -7.90 -8.27
CA ALA A 5 25.19 -7.84 -9.38
C ALA A 5 23.91 -8.63 -9.01
N ARG A 6 22.95 -7.93 -8.39
CA ARG A 6 21.70 -8.54 -7.89
C ARG A 6 20.53 -8.22 -8.85
N PRO A 7 19.93 -9.25 -9.53
CA PRO A 7 18.68 -9.07 -10.30
C PRO A 7 17.47 -8.84 -9.34
N LEU A 8 17.41 -7.63 -8.78
CA LEU A 8 16.45 -7.25 -7.72
C LEU A 8 15.05 -6.96 -8.31
N GLY A 9 14.02 -7.16 -7.47
CA GLY A 9 12.63 -6.86 -7.80
C GLY A 9 12.04 -5.83 -6.84
N GLU A 10 12.89 -4.84 -6.43
CA GLU A 10 12.51 -3.76 -5.50
C GLU A 10 11.26 -3.02 -5.97
N PHE A 11 10.25 -2.98 -5.07
CA PHE A 11 9.06 -2.15 -5.25
C PHE A 11 9.08 -1.07 -4.19
N ILE A 12 8.60 0.12 -4.63
CA ILE A 12 8.35 1.29 -3.77
C ILE A 12 6.90 1.74 -4.07
N CYS A 13 5.99 1.51 -3.12
CA CYS A 13 4.62 2.06 -3.21
C CYS A 13 4.56 3.37 -2.42
N GLN A 14 3.78 4.34 -2.91
CA GLN A 14 3.46 5.56 -2.16
C GLN A 14 2.41 5.24 -1.08
N LEU A 15 1.70 4.10 -1.28
CA LEU A 15 0.68 3.60 -0.36
C LEU A 15 1.32 2.81 0.80
N CYS A 16 2.01 1.70 0.47
CA CYS A 16 2.59 0.79 1.49
C CYS A 16 3.91 1.34 2.10
N LYS A 17 4.68 2.11 1.28
CA LYS A 17 6.06 2.57 1.63
C LYS A 17 6.94 1.38 2.11
N GLU A 18 7.04 0.33 1.28
CA GLU A 18 7.65 -0.95 1.67
C GLU A 18 8.98 -1.19 0.91
N GLU A 19 9.76 -0.11 0.66
CA GLU A 19 10.98 -0.16 -0.18
C GLU A 19 11.91 -1.32 0.23
N TYR A 20 12.05 -2.32 -0.69
CA TYR A 20 12.80 -3.58 -0.36
C TYR A 20 14.00 -3.82 -1.30
N ALA A 21 14.88 -4.75 -0.86
CA ALA A 21 16.06 -5.20 -1.61
C ALA A 21 16.04 -6.73 -1.85
N ASP A 22 15.27 -7.46 -1.01
CA ASP A 22 15.27 -8.95 -0.98
C ASP A 22 13.94 -9.49 -1.55
N PRO A 23 13.96 -10.46 -2.53
CA PRO A 23 12.74 -10.95 -3.25
C PRO A 23 11.73 -11.64 -2.30
N PHE A 24 12.26 -12.17 -1.19
CA PHE A 24 11.48 -12.82 -0.12
C PHE A 24 10.52 -11.80 0.52
N ALA A 25 11.03 -10.59 0.75
CA ALA A 25 10.28 -9.49 1.36
C ALA A 25 9.19 -8.95 0.40
N LEU A 26 9.46 -8.99 -0.92
CA LEU A 26 8.44 -8.63 -1.95
C LEU A 26 7.30 -9.68 -1.99
N ALA A 27 7.60 -10.91 -1.57
CA ALA A 27 6.59 -11.97 -1.42
C ALA A 27 5.76 -11.77 -0.14
N GLN A 28 6.37 -11.12 0.88
CA GLN A 28 5.69 -10.77 2.15
C GLN A 28 4.92 -9.43 2.04
N HIS A 29 5.20 -8.65 0.96
CA HIS A 29 4.52 -7.37 0.65
C HIS A 29 3.01 -7.57 0.41
N LYS A 30 2.19 -6.92 1.27
CA LYS A 30 0.72 -6.93 1.20
C LYS A 30 0.24 -5.56 0.71
N CYS A 31 -0.32 -5.50 -0.50
CA CYS A 31 -0.62 -4.22 -1.18
C CYS A 31 -2.01 -3.66 -0.80
N SER A 32 -2.11 -2.32 -0.85
CA SER A 32 -3.33 -1.58 -0.47
C SER A 32 -4.36 -1.54 -1.63
N ARG A 33 -4.06 -0.74 -2.68
CA ARG A 33 -4.93 -0.57 -3.87
C ARG A 33 -4.10 -0.04 -5.05
N ILE A 34 -3.77 -0.93 -6.00
CA ILE A 34 -2.98 -0.56 -7.22
C ILE A 34 -3.87 -0.53 -8.47
N VAL A 35 -5.16 -0.73 -8.24
CA VAL A 35 -6.20 -0.70 -9.28
C VAL A 35 -6.88 0.67 -9.24
N ARG A 36 -6.47 1.54 -10.17
CA ARG A 36 -6.99 2.90 -10.32
C ARG A 36 -6.90 3.31 -11.79
N VAL A 37 -8.09 3.42 -12.43
CA VAL A 37 -8.20 3.95 -13.79
C VAL A 37 -8.24 5.49 -13.71
N GLU A 38 -7.14 6.11 -14.15
CA GLU A 38 -6.90 7.55 -13.98
C GLU A 38 -6.37 8.14 -15.30
N TYR A 39 -6.92 9.30 -15.69
CA TYR A 39 -6.60 10.01 -16.94
C TYR A 39 -6.13 11.45 -16.65
N ARG A 40 -4.87 11.75 -17.02
CA ARG A 40 -4.23 13.05 -16.77
C ARG A 40 -4.41 13.98 -17.98
N CYS A 41 -4.88 15.20 -17.71
CA CYS A 41 -4.97 16.27 -18.73
C CYS A 41 -3.69 17.13 -18.68
N PRO A 42 -2.87 17.19 -19.80
CA PRO A 42 -1.61 18.00 -19.86
C PRO A 42 -1.75 19.48 -19.40
N GLU A 43 -2.92 20.07 -19.69
CA GLU A 43 -3.21 21.49 -19.38
C GLU A 43 -3.51 21.70 -17.88
N CYS A 44 -3.97 20.63 -17.24
CA CYS A 44 -4.39 20.62 -15.82
C CYS A 44 -3.70 19.43 -15.14
N ALA A 45 -2.33 19.43 -15.19
CA ALA A 45 -1.42 18.28 -14.97
C ALA A 45 -1.76 17.35 -13.76
N LYS A 46 -2.56 17.82 -12.79
CA LYS A 46 -3.09 16.94 -11.72
C LYS A 46 -4.05 15.90 -12.34
N VAL A 47 -3.70 14.61 -12.15
CA VAL A 47 -4.43 13.49 -12.79
C VAL A 47 -5.84 13.30 -12.17
N PHE A 48 -6.84 13.15 -13.05
CA PHE A 48 -8.25 12.91 -12.66
C PHE A 48 -8.47 11.40 -12.48
N SER A 49 -8.98 11.00 -11.30
CA SER A 49 -9.20 9.58 -10.96
C SER A 49 -10.54 9.05 -11.49
N CYS A 50 -11.36 9.92 -12.10
CA CYS A 50 -12.63 9.54 -12.71
C CYS A 50 -12.60 9.85 -14.23
N PRO A 51 -12.47 8.79 -15.10
CA PRO A 51 -12.51 8.94 -16.58
C PRO A 51 -13.78 9.64 -17.13
N ALA A 52 -14.92 9.43 -16.46
CA ALA A 52 -16.22 10.06 -16.85
C ALA A 52 -16.20 11.58 -16.60
N ASN A 53 -15.50 11.99 -15.53
CA ASN A 53 -15.25 13.42 -15.22
C ASN A 53 -14.32 14.02 -16.31
N LEU A 54 -13.26 13.27 -16.63
CA LEU A 54 -12.25 13.66 -17.63
C LEU A 54 -12.89 13.73 -19.05
N ALA A 55 -13.95 12.94 -19.29
CA ALA A 55 -14.66 12.91 -20.58
C ALA A 55 -15.32 14.28 -20.87
N SER A 56 -16.13 14.75 -19.91
CA SER A 56 -16.79 16.07 -19.97
C SER A 56 -15.73 17.20 -19.99
N HIS A 57 -14.65 16.97 -19.24
CA HIS A 57 -13.52 17.90 -19.08
C HIS A 57 -12.84 18.20 -20.44
N ARG A 58 -12.62 17.15 -21.23
CA ARG A 58 -12.06 17.25 -22.59
C ARG A 58 -13.02 18.05 -23.50
N ARG A 59 -14.33 17.83 -23.31
CA ARG A 59 -15.40 18.54 -24.07
C ARG A 59 -15.44 20.05 -23.76
N TRP A 60 -14.98 20.43 -22.55
CA TRP A 60 -14.88 21.85 -22.15
C TRP A 60 -13.64 22.53 -22.77
N HIS A 61 -12.56 21.76 -23.03
CA HIS A 61 -11.36 22.28 -23.74
C HIS A 61 -11.65 22.51 -25.24
N LYS A 62 -12.11 21.44 -25.93
CA LYS A 62 -12.32 21.45 -27.39
C LYS A 62 -13.46 22.46 -27.77
N PRO A 63 -13.12 23.55 -28.56
CA PRO A 63 -14.09 24.65 -28.89
C PRO A 63 -15.27 24.16 -29.76
N ARG A 64 -16.46 24.69 -29.46
CA ARG A 64 -17.71 24.35 -30.15
C ARG A 64 -18.61 25.61 -30.19
N ALA A 1 7.68 14.89 -5.56
CA ALA A 1 7.14 13.88 -4.60
C ALA A 1 7.64 12.44 -4.94
N GLY A 2 8.39 12.31 -6.04
CA GLY A 2 8.95 11.02 -6.45
C GLY A 2 9.24 11.01 -7.94
N GLY A 3 10.44 11.49 -8.30
CA GLY A 3 10.84 11.64 -9.70
C GLY A 3 10.96 10.30 -10.44
N ALA A 4 11.69 9.36 -9.84
CA ALA A 4 11.90 8.03 -10.41
C ALA A 4 12.28 7.03 -9.31
N ALA A 5 11.27 6.50 -8.61
CA ALA A 5 11.46 5.43 -7.62
C ALA A 5 11.71 4.10 -8.36
N ARG A 6 12.91 3.52 -8.20
CA ARG A 6 13.36 2.37 -9.00
C ARG A 6 12.51 1.12 -8.68
N PRO A 7 11.98 0.39 -9.71
CA PRO A 7 11.47 -0.99 -9.55
C PRO A 7 12.53 -2.07 -9.91
N LEU A 8 13.80 -1.64 -10.06
CA LEU A 8 14.88 -2.43 -10.68
C LEU A 8 15.65 -3.30 -9.66
N GLY A 9 15.15 -3.37 -8.41
CA GLY A 9 15.75 -4.16 -7.34
C GLY A 9 15.01 -3.87 -6.04
N GLU A 10 15.02 -2.58 -5.66
CA GLU A 10 14.07 -2.01 -4.71
C GLU A 10 12.72 -1.90 -5.41
N PHE A 11 11.64 -2.24 -4.69
CA PHE A 11 10.27 -1.98 -5.13
C PHE A 11 9.64 -1.02 -4.13
N ILE A 12 9.10 0.12 -4.62
CA ILE A 12 8.51 1.16 -3.78
C ILE A 12 6.98 1.18 -3.98
N CYS A 13 6.23 1.13 -2.88
CA CYS A 13 4.81 1.50 -2.85
C CYS A 13 4.68 2.97 -2.41
N GLN A 14 3.80 3.72 -3.08
CA GLN A 14 3.66 5.18 -2.87
C GLN A 14 2.88 5.52 -1.58
N LEU A 15 1.73 4.82 -1.35
CA LEU A 15 0.89 5.04 -0.14
C LEU A 15 1.22 4.00 0.95
N CYS A 16 1.51 2.75 0.54
CA CYS A 16 1.79 1.63 1.47
C CYS A 16 3.29 1.59 1.88
N LYS A 17 4.11 2.44 1.21
CA LYS A 17 5.48 2.86 1.66
C LYS A 17 6.46 1.67 1.87
N GLU A 18 6.17 0.54 1.23
CA GLU A 18 7.00 -0.68 1.31
C GLU A 18 8.17 -0.58 0.33
N GLU A 19 9.37 -0.32 0.88
CA GLU A 19 10.65 -0.39 0.16
C GLU A 19 11.31 -1.73 0.49
N TYR A 20 11.49 -2.60 -0.52
CA TYR A 20 12.11 -3.93 -0.34
C TYR A 20 13.03 -4.24 -1.52
N ALA A 21 14.29 -4.57 -1.21
CA ALA A 21 15.30 -4.96 -2.20
C ALA A 21 15.29 -6.49 -2.45
N ASP A 22 14.80 -7.24 -1.45
CA ASP A 22 14.84 -8.72 -1.45
C ASP A 22 13.52 -9.31 -1.99
N PRO A 23 13.58 -10.24 -2.99
CA PRO A 23 12.36 -10.91 -3.56
C PRO A 23 11.62 -11.78 -2.51
N PHE A 24 12.35 -12.12 -1.43
CA PHE A 24 11.80 -12.82 -0.25
C PHE A 24 10.80 -11.92 0.47
N ALA A 25 11.23 -10.65 0.65
CA ALA A 25 10.45 -9.62 1.34
C ALA A 25 9.30 -9.08 0.46
N LEU A 26 9.44 -9.22 -0.88
CA LEU A 26 8.33 -8.96 -1.81
C LEU A 26 7.26 -10.05 -1.70
N ALA A 27 7.71 -11.30 -1.49
CA ALA A 27 6.82 -12.46 -1.32
C ALA A 27 6.07 -12.38 0.02
N GLN A 28 6.70 -11.74 1.03
CA GLN A 28 6.07 -11.51 2.35
C GLN A 28 5.19 -10.24 2.33
N HIS A 29 5.52 -9.28 1.42
CA HIS A 29 4.70 -8.07 1.20
C HIS A 29 3.41 -8.46 0.45
N LYS A 30 2.28 -8.25 1.13
CA LYS A 30 0.95 -8.36 0.56
C LYS A 30 0.31 -6.96 0.57
N CYS A 31 0.02 -6.42 -0.61
CA CYS A 31 -0.65 -5.11 -0.74
C CYS A 31 -2.16 -5.27 -0.46
N SER A 32 -2.85 -4.14 -0.19
CA SER A 32 -4.26 -4.13 0.24
C SER A 32 -5.20 -4.64 -0.88
N ARG A 33 -5.49 -5.95 -0.84
CA ARG A 33 -6.42 -6.62 -1.75
C ARG A 33 -7.86 -6.17 -1.41
N ILE A 34 -8.28 -5.04 -2.04
CA ILE A 34 -9.65 -4.51 -1.93
C ILE A 34 -10.27 -4.48 -3.33
N VAL A 35 -11.53 -4.93 -3.44
CA VAL A 35 -12.26 -4.96 -4.71
C VAL A 35 -13.12 -3.68 -4.81
N ARG A 36 -13.26 -3.14 -6.04
CA ARG A 36 -13.90 -1.84 -6.28
C ARG A 36 -15.43 -1.89 -6.03
N VAL A 37 -16.02 -3.10 -5.91
CA VAL A 37 -17.40 -3.25 -5.46
C VAL A 37 -17.44 -3.11 -3.91
N GLU A 38 -17.88 -1.94 -3.46
CA GLU A 38 -17.97 -1.58 -2.05
C GLU A 38 -19.43 -1.75 -1.56
N TYR A 39 -19.60 -2.29 -0.34
CA TYR A 39 -20.92 -2.61 0.22
C TYR A 39 -21.12 -1.90 1.57
N ARG A 40 -22.31 -1.33 1.76
CA ARG A 40 -22.70 -0.66 3.00
C ARG A 40 -23.82 -1.46 3.71
N CYS A 41 -23.87 -1.36 5.03
CA CYS A 41 -24.97 -1.93 5.85
C CYS A 41 -26.12 -0.92 5.97
N PRO A 42 -27.39 -1.40 6.22
CA PRO A 42 -28.50 -0.53 6.69
C PRO A 42 -28.19 0.15 8.05
N GLU A 43 -27.51 -0.58 8.97
CA GLU A 43 -27.20 -0.07 10.34
C GLU A 43 -25.83 0.65 10.35
N CYS A 44 -24.82 -0.02 9.76
CA CYS A 44 -23.44 0.52 9.60
C CYS A 44 -23.30 1.15 8.20
N ALA A 45 -24.12 2.17 7.92
CA ALA A 45 -24.18 2.87 6.61
C ALA A 45 -22.78 3.38 6.11
N LYS A 46 -21.80 3.44 7.03
CA LYS A 46 -20.37 3.60 6.66
C LYS A 46 -19.93 2.40 5.80
N VAL A 47 -19.50 2.67 4.57
CA VAL A 47 -19.23 1.66 3.55
C VAL A 47 -17.90 0.90 3.82
N PHE A 48 -17.92 -0.41 3.50
CA PHE A 48 -16.74 -1.29 3.56
C PHE A 48 -16.31 -1.63 2.11
N SER A 49 -15.04 -1.38 1.78
CA SER A 49 -14.46 -1.66 0.44
C SER A 49 -14.04 -3.13 0.30
N CYS A 50 -13.90 -3.82 1.44
CA CYS A 50 -13.46 -5.23 1.49
C CYS A 50 -14.70 -6.16 1.49
N PRO A 51 -15.00 -6.87 0.34
CA PRO A 51 -16.25 -7.65 0.16
C PRO A 51 -16.35 -8.89 1.08
N ALA A 52 -15.21 -9.58 1.27
CA ALA A 52 -15.15 -10.85 2.03
C ALA A 52 -15.31 -10.60 3.55
N ASN A 53 -14.82 -9.43 4.01
CA ASN A 53 -15.00 -8.96 5.41
C ASN A 53 -16.48 -8.72 5.67
N LEU A 54 -17.12 -7.99 4.73
CA LEU A 54 -18.53 -7.60 4.79
C LEU A 54 -19.43 -8.86 4.79
N ALA A 55 -19.03 -9.90 4.04
CA ALA A 55 -19.79 -11.18 3.92
C ALA A 55 -19.97 -11.86 5.31
N SER A 56 -18.85 -11.99 6.03
CA SER A 56 -18.84 -12.52 7.41
C SER A 56 -19.58 -11.57 8.36
N HIS A 57 -19.35 -10.28 8.17
CA HIS A 57 -19.93 -9.20 8.98
C HIS A 57 -21.48 -9.17 8.90
N ARG A 58 -22.01 -9.60 7.73
CA ARG A 58 -23.46 -9.73 7.50
C ARG A 58 -24.04 -10.94 8.21
N ARG A 59 -23.35 -12.10 8.14
CA ARG A 59 -23.80 -13.33 8.83
C ARG A 59 -23.67 -13.21 10.38
N TRP A 60 -23.01 -12.12 10.85
CA TRP A 60 -23.06 -11.71 12.27
C TRP A 60 -24.40 -11.00 12.56
N HIS A 61 -24.81 -10.08 11.65
CA HIS A 61 -26.15 -9.41 11.71
C HIS A 61 -27.32 -10.43 11.60
N LYS A 62 -27.03 -11.64 11.07
CA LYS A 62 -28.01 -12.74 10.97
C LYS A 62 -28.45 -13.24 12.38
N PRO A 63 -29.79 -13.21 12.70
CA PRO A 63 -30.33 -13.88 13.91
C PRO A 63 -30.34 -15.42 13.74
N ARG A 64 -29.30 -16.08 14.29
CA ARG A 64 -29.09 -17.53 14.17
C ARG A 64 -29.79 -18.25 15.35
N ALA A 1 35.25 6.09 -0.88
CA ALA A 1 33.97 6.02 -1.64
C ALA A 1 33.42 4.58 -1.59
N GLY A 2 32.12 4.44 -1.24
CA GLY A 2 31.46 3.15 -1.17
C GLY A 2 30.14 3.23 -0.42
N GLY A 3 29.65 2.07 0.06
CA GLY A 3 28.43 1.99 0.87
C GLY A 3 27.17 2.33 0.08
N ALA A 4 27.17 1.95 -1.22
CA ALA A 4 26.05 2.19 -2.14
C ALA A 4 25.08 1.01 -2.15
N ALA A 5 23.77 1.30 -2.29
CA ALA A 5 22.71 0.28 -2.38
C ALA A 5 22.54 -0.14 -3.85
N ARG A 6 23.20 -1.26 -4.22
CA ARG A 6 23.09 -1.83 -5.58
C ARG A 6 21.64 -2.31 -5.87
N PRO A 7 21.12 -2.08 -7.12
CA PRO A 7 19.73 -2.47 -7.49
C PRO A 7 19.53 -4.00 -7.53
N LEU A 8 19.13 -4.57 -6.38
CA LEU A 8 18.73 -5.99 -6.26
C LEU A 8 17.29 -6.18 -6.77
N GLY A 9 16.48 -5.11 -6.63
CA GLY A 9 15.08 -5.10 -7.09
C GLY A 9 14.20 -4.41 -6.08
N GLU A 10 14.45 -3.10 -5.88
CA GLU A 10 13.73 -2.29 -4.90
C GLU A 10 12.37 -1.89 -5.47
N PHE A 11 11.32 -2.28 -4.77
CA PHE A 11 9.95 -1.88 -5.09
C PHE A 11 9.51 -0.86 -4.05
N ILE A 12 9.32 0.40 -4.50
CA ILE A 12 8.78 1.47 -3.67
C ILE A 12 7.29 1.57 -3.97
N CYS A 13 6.47 1.20 -2.99
CA CYS A 13 5.03 1.47 -3.06
C CYS A 13 4.79 2.85 -2.45
N GLN A 14 3.94 3.66 -3.08
CA GLN A 14 3.68 5.03 -2.63
C GLN A 14 2.67 5.04 -1.46
N LEU A 15 1.59 4.23 -1.58
CA LEU A 15 0.56 4.11 -0.53
C LEU A 15 1.00 3.20 0.64
N CYS A 16 1.75 2.10 0.34
CA CYS A 16 2.30 1.24 1.41
C CYS A 16 3.50 1.94 2.09
N LYS A 17 4.22 2.80 1.28
CA LYS A 17 5.49 3.47 1.68
C LYS A 17 6.56 2.43 2.12
N GLU A 18 6.45 1.22 1.58
CA GLU A 18 7.34 0.10 1.91
C GLU A 18 8.31 -0.16 0.73
N GLU A 19 9.58 -0.31 1.08
CA GLU A 19 10.70 -0.45 0.13
C GLU A 19 11.43 -1.77 0.42
N TYR A 20 11.45 -2.69 -0.56
CA TYR A 20 12.09 -4.02 -0.39
C TYR A 20 12.95 -4.37 -1.60
N ALA A 21 14.23 -4.70 -1.34
CA ALA A 21 15.24 -5.04 -2.37
C ALA A 21 15.22 -6.53 -2.70
N ASP A 22 15.06 -7.37 -1.66
CA ASP A 22 15.14 -8.83 -1.80
C ASP A 22 13.76 -9.41 -2.18
N PRO A 23 13.70 -10.41 -3.12
CA PRO A 23 12.41 -10.99 -3.64
C PRO A 23 11.60 -11.72 -2.55
N PHE A 24 12.27 -12.10 -1.46
CA PHE A 24 11.65 -12.81 -0.32
C PHE A 24 10.66 -11.87 0.39
N ALA A 25 11.10 -10.62 0.64
CA ALA A 25 10.30 -9.62 1.36
C ALA A 25 9.05 -9.20 0.56
N LEU A 26 9.16 -9.28 -0.79
CA LEU A 26 8.01 -9.04 -1.71
C LEU A 26 6.95 -10.15 -1.55
N ALA A 27 7.40 -11.38 -1.26
CA ALA A 27 6.50 -12.53 -1.06
C ALA A 27 5.68 -12.37 0.25
N GLN A 28 6.33 -11.83 1.30
CA GLN A 28 5.65 -11.54 2.58
C GLN A 28 4.92 -10.18 2.54
N HIS A 29 5.23 -9.33 1.53
CA HIS A 29 4.70 -7.96 1.43
C HIS A 29 3.18 -7.95 1.15
N LYS A 30 2.48 -7.03 1.85
CA LYS A 30 1.05 -6.80 1.67
C LYS A 30 0.79 -5.40 1.05
N CYS A 31 0.26 -5.40 -0.17
CA CYS A 31 -0.37 -4.23 -0.80
C CYS A 31 -1.84 -4.10 -0.33
N SER A 32 -2.51 -2.97 -0.67
CA SER A 32 -3.95 -2.73 -0.36
C SER A 32 -4.81 -4.01 -0.53
N ARG A 33 -5.63 -4.32 0.49
CA ARG A 33 -6.34 -5.60 0.63
C ARG A 33 -7.83 -5.38 0.88
N ILE A 34 -8.59 -6.48 0.88
CA ILE A 34 -10.05 -6.47 1.08
C ILE A 34 -10.42 -6.19 2.55
N VAL A 35 -11.49 -5.39 2.74
CA VAL A 35 -12.06 -5.07 4.07
C VAL A 35 -13.52 -5.59 4.11
N ARG A 36 -14.06 -5.81 5.33
CA ARG A 36 -15.45 -6.23 5.58
C ARG A 36 -15.70 -7.68 5.07
N VAL A 37 -14.64 -8.48 5.16
CA VAL A 37 -14.63 -9.91 4.81
C VAL A 37 -14.19 -10.69 6.04
N GLU A 38 -15.16 -11.06 6.89
CA GLU A 38 -14.91 -11.78 8.14
C GLU A 38 -15.97 -12.88 8.36
N TYR A 39 -15.49 -14.12 8.60
CA TYR A 39 -16.30 -15.33 8.82
C TYR A 39 -16.26 -15.74 10.30
N ARG A 40 -17.31 -16.40 10.77
CA ARG A 40 -17.52 -16.71 12.20
C ARG A 40 -18.12 -18.12 12.38
N CYS A 41 -17.64 -18.88 13.39
CA CYS A 41 -18.31 -20.11 13.86
C CYS A 41 -19.33 -19.71 14.96
N PRO A 42 -20.44 -20.48 15.18
CA PRO A 42 -21.33 -20.28 16.35
C PRO A 42 -20.55 -20.41 17.68
N GLU A 43 -19.65 -21.42 17.73
CA GLU A 43 -18.84 -21.74 18.93
C GLU A 43 -17.63 -20.80 19.09
N CYS A 44 -17.38 -19.95 18.08
CA CYS A 44 -16.24 -19.01 18.05
C CYS A 44 -16.77 -17.60 17.70
N ALA A 45 -17.67 -17.07 18.58
CA ALA A 45 -18.27 -15.72 18.44
C ALA A 45 -17.25 -14.61 18.05
N LYS A 46 -15.96 -14.84 18.40
CA LYS A 46 -14.82 -14.02 17.94
C LYS A 46 -14.69 -14.17 16.42
N VAL A 47 -15.14 -13.16 15.67
CA VAL A 47 -15.18 -13.21 14.19
C VAL A 47 -13.75 -13.06 13.60
N PHE A 48 -13.43 -13.92 12.60
CA PHE A 48 -12.09 -14.01 11.98
C PHE A 48 -12.11 -13.31 10.61
N SER A 49 -11.18 -12.35 10.40
CA SER A 49 -11.09 -11.57 9.15
C SER A 49 -10.21 -12.26 8.08
N CYS A 50 -9.70 -13.46 8.41
CA CYS A 50 -8.84 -14.24 7.51
C CYS A 50 -9.66 -15.42 6.93
N PRO A 51 -10.14 -15.34 5.64
CA PRO A 51 -10.98 -16.41 5.01
C PRO A 51 -10.28 -17.79 4.93
N ALA A 52 -9.03 -17.78 4.44
CA ALA A 52 -8.24 -19.00 4.19
C ALA A 52 -7.80 -19.66 5.51
N ASN A 53 -7.45 -18.81 6.50
CA ASN A 53 -7.06 -19.28 7.85
C ASN A 53 -8.28 -19.83 8.60
N LEU A 54 -9.45 -19.20 8.37
CA LEU A 54 -10.74 -19.63 8.95
C LEU A 54 -11.13 -21.01 8.39
N ALA A 55 -10.80 -21.26 7.11
CA ALA A 55 -11.05 -22.56 6.45
C ALA A 55 -10.35 -23.71 7.21
N SER A 56 -9.03 -23.55 7.39
CA SER A 56 -8.18 -24.53 8.09
C SER A 56 -8.53 -24.61 9.60
N HIS A 57 -9.00 -23.47 10.14
CA HIS A 57 -9.42 -23.30 11.55
C HIS A 57 -10.64 -24.18 11.87
N ARG A 58 -11.68 -24.13 11.01
CA ARG A 58 -12.92 -24.91 11.20
C ARG A 58 -12.62 -26.41 11.08
N ARG A 59 -11.74 -26.75 10.12
CA ARG A 59 -11.28 -28.13 9.89
C ARG A 59 -10.38 -28.63 11.04
N TRP A 60 -9.74 -27.69 11.76
CA TRP A 60 -8.85 -28.00 12.89
C TRP A 60 -9.67 -28.50 14.10
N HIS A 61 -10.78 -27.81 14.43
CA HIS A 61 -11.60 -28.17 15.62
C HIS A 61 -12.95 -28.80 15.21
N LYS A 62 -13.05 -29.22 13.93
CA LYS A 62 -14.21 -29.96 13.38
C LYS A 62 -14.56 -31.19 14.28
N PRO A 63 -15.87 -31.34 14.72
CA PRO A 63 -16.34 -32.50 15.53
C PRO A 63 -15.92 -33.87 14.93
N ARG A 64 -14.98 -34.54 15.61
CA ARG A 64 -14.43 -35.83 15.19
C ARG A 64 -15.22 -36.99 15.85
N ALA A 1 24.38 -10.25 -16.94
CA ALA A 1 22.97 -10.70 -17.03
C ALA A 1 22.04 -9.50 -17.35
N GLY A 2 20.85 -9.79 -17.93
CA GLY A 2 19.88 -8.76 -18.30
C GLY A 2 18.68 -9.36 -19.00
N GLY A 3 17.93 -10.21 -18.26
CA GLY A 3 16.78 -10.93 -18.80
C GLY A 3 15.52 -10.08 -18.78
N ALA A 4 14.88 -9.99 -17.59
CA ALA A 4 13.65 -9.21 -17.40
C ALA A 4 13.94 -7.69 -17.47
N ALA A 5 13.28 -7.00 -18.41
CA ALA A 5 13.43 -5.54 -18.61
C ALA A 5 12.48 -4.76 -17.67
N ARG A 6 12.50 -5.16 -16.39
CA ARG A 6 11.60 -4.64 -15.34
C ARG A 6 12.41 -4.27 -14.09
N PRO A 7 11.87 -3.39 -13.17
CA PRO A 7 12.45 -3.17 -11.82
C PRO A 7 12.26 -4.40 -10.89
N LEU A 8 12.91 -5.51 -11.27
CA LEU A 8 12.83 -6.78 -10.54
C LEU A 8 13.93 -6.74 -9.46
N GLY A 9 13.50 -6.40 -8.24
CA GLY A 9 14.39 -6.16 -7.13
C GLY A 9 13.73 -5.17 -6.18
N GLU A 10 14.11 -3.90 -6.27
CA GLU A 10 13.47 -2.82 -5.49
C GLU A 10 12.12 -2.46 -6.11
N PHE A 11 11.07 -2.66 -5.31
CA PHE A 11 9.73 -2.15 -5.57
C PHE A 11 9.42 -1.16 -4.44
N ILE A 12 9.03 0.07 -4.80
CA ILE A 12 8.69 1.14 -3.83
C ILE A 12 7.22 1.52 -4.03
N CYS A 13 6.44 1.42 -2.96
CA CYS A 13 5.06 1.95 -2.91
C CYS A 13 5.04 3.34 -2.26
N GLN A 14 4.07 4.19 -2.65
CA GLN A 14 3.81 5.48 -2.01
C GLN A 14 2.81 5.29 -0.85
N LEU A 15 1.75 4.51 -1.12
CA LEU A 15 0.68 4.26 -0.15
C LEU A 15 1.17 3.33 0.98
N CYS A 16 1.49 2.05 0.65
CA CYS A 16 1.87 1.06 1.68
C CYS A 16 3.37 1.15 2.06
N LYS A 17 4.17 1.89 1.24
CA LYS A 17 5.63 2.18 1.45
C LYS A 17 6.49 0.94 1.83
N GLU A 18 6.03 -0.27 1.44
CA GLU A 18 6.84 -1.51 1.51
C GLU A 18 7.98 -1.44 0.44
N GLU A 19 9.07 -0.77 0.82
CA GLU A 19 10.29 -0.62 0.01
C GLU A 19 11.24 -1.76 0.36
N TYR A 20 11.52 -2.65 -0.61
CA TYR A 20 12.45 -3.79 -0.42
C TYR A 20 13.08 -4.17 -1.77
N ALA A 21 14.36 -4.59 -1.73
CA ALA A 21 15.01 -5.24 -2.88
C ALA A 21 15.00 -6.76 -2.71
N ASP A 22 14.94 -7.22 -1.45
CA ASP A 22 14.94 -8.64 -1.09
C ASP A 22 13.64 -9.34 -1.57
N PRO A 23 13.74 -10.36 -2.50
CA PRO A 23 12.54 -11.06 -3.06
C PRO A 23 11.71 -11.78 -1.95
N PHE A 24 12.38 -12.02 -0.81
CA PHE A 24 11.78 -12.61 0.40
C PHE A 24 10.63 -11.73 0.91
N ALA A 25 10.95 -10.43 1.07
CA ALA A 25 10.01 -9.44 1.63
C ALA A 25 9.02 -8.94 0.57
N LEU A 26 9.34 -9.17 -0.73
CA LEU A 26 8.38 -8.96 -1.84
C LEU A 26 7.35 -10.11 -1.87
N ALA A 27 7.78 -11.30 -1.43
CA ALA A 27 6.87 -12.45 -1.26
C ALA A 27 5.93 -12.23 -0.06
N GLN A 28 6.43 -11.44 0.93
CA GLN A 28 5.65 -11.04 2.12
C GLN A 28 4.82 -9.76 1.86
N HIS A 29 5.20 -8.96 0.83
CA HIS A 29 4.61 -7.61 0.54
C HIS A 29 3.07 -7.60 0.56
N LYS A 30 2.50 -6.78 1.48
CA LYS A 30 1.05 -6.52 1.55
C LYS A 30 0.82 -5.05 1.16
N CYS A 31 -0.01 -4.81 0.15
CA CYS A 31 -0.50 -3.45 -0.14
C CYS A 31 -1.76 -3.21 0.71
N SER A 32 -1.70 -2.19 1.59
CA SER A 32 -2.85 -1.70 2.37
C SER A 32 -3.38 -0.40 1.70
N ARG A 33 -4.33 0.29 2.36
CA ARG A 33 -4.93 1.55 1.85
C ARG A 33 -5.70 1.31 0.53
N ILE A 34 -6.39 0.16 0.42
CA ILE A 34 -7.17 -0.19 -0.78
C ILE A 34 -8.40 0.72 -0.86
N VAL A 35 -8.36 1.70 -1.77
CA VAL A 35 -9.51 2.56 -2.07
C VAL A 35 -10.44 1.76 -3.02
N ARG A 36 -11.35 0.99 -2.41
CA ARG A 36 -12.34 0.15 -3.12
C ARG A 36 -13.17 0.96 -4.13
N VAL A 37 -13.50 2.20 -3.76
CA VAL A 37 -14.27 3.12 -4.62
C VAL A 37 -13.91 4.57 -4.25
N GLU A 38 -13.82 5.44 -5.27
CA GLU A 38 -13.39 6.84 -5.10
C GLU A 38 -14.33 7.78 -5.89
N TYR A 39 -14.70 8.90 -5.25
CA TYR A 39 -15.72 9.85 -5.75
C TYR A 39 -15.14 11.27 -5.88
N ARG A 40 -15.58 11.97 -6.92
CA ARG A 40 -15.12 13.32 -7.28
C ARG A 40 -16.27 14.34 -7.12
N CYS A 41 -15.91 15.57 -6.78
CA CYS A 41 -16.86 16.71 -6.80
C CYS A 41 -16.36 17.72 -7.86
N PRO A 42 -17.27 18.31 -8.71
CA PRO A 42 -16.89 19.13 -9.90
C PRO A 42 -15.79 20.20 -9.63
N GLU A 43 -16.11 21.16 -8.76
CA GLU A 43 -15.18 22.26 -8.39
C GLU A 43 -14.17 21.79 -7.32
N CYS A 44 -14.63 20.95 -6.36
CA CYS A 44 -13.79 20.43 -5.25
C CYS A 44 -13.17 19.08 -5.67
N ALA A 45 -12.32 19.13 -6.71
CA ALA A 45 -11.60 17.96 -7.31
C ALA A 45 -10.92 16.99 -6.27
N LYS A 46 -10.87 17.40 -4.98
CA LYS A 46 -10.55 16.50 -3.84
C LYS A 46 -11.33 15.17 -3.94
N VAL A 47 -10.62 14.09 -4.27
CA VAL A 47 -11.22 12.76 -4.45
C VAL A 47 -11.43 12.06 -3.08
N PHE A 48 -12.69 11.95 -2.68
CA PHE A 48 -13.10 11.25 -1.44
C PHE A 48 -13.24 9.75 -1.73
N SER A 49 -13.44 8.93 -0.70
CA SER A 49 -13.66 7.47 -0.88
C SER A 49 -15.10 7.11 -0.49
N CYS A 50 -15.64 7.80 0.52
CA CYS A 50 -16.97 7.50 1.09
C CYS A 50 -18.08 8.22 0.28
N PRO A 51 -19.09 7.46 -0.28
CA PRO A 51 -20.26 8.07 -0.95
C PRO A 51 -21.17 8.86 0.01
N ALA A 52 -21.16 8.47 1.30
CA ALA A 52 -21.93 9.16 2.34
C ALA A 52 -21.39 10.58 2.58
N ASN A 53 -20.05 10.71 2.58
CA ASN A 53 -19.38 12.01 2.77
C ASN A 53 -19.58 12.90 1.52
N LEU A 54 -19.34 12.34 0.31
CA LEU A 54 -19.34 13.10 -0.97
C LEU A 54 -20.77 13.58 -1.34
N ALA A 55 -21.75 12.67 -1.27
CA ALA A 55 -23.17 12.97 -1.65
C ALA A 55 -23.74 14.11 -0.79
N SER A 56 -23.56 13.96 0.53
CA SER A 56 -23.99 14.95 1.53
C SER A 56 -23.28 16.30 1.32
N HIS A 57 -21.95 16.24 1.14
CA HIS A 57 -21.06 17.41 0.91
C HIS A 57 -21.58 18.31 -0.25
N ARG A 58 -21.87 17.66 -1.40
CA ARG A 58 -22.36 18.35 -2.62
C ARG A 58 -23.69 19.07 -2.36
N ARG A 59 -24.67 18.28 -1.85
CA ARG A 59 -26.06 18.77 -1.63
C ARG A 59 -26.14 19.77 -0.44
N TRP A 60 -25.03 19.94 0.31
CA TRP A 60 -24.93 20.98 1.36
C TRP A 60 -24.51 22.34 0.74
N HIS A 61 -23.50 22.33 -0.15
CA HIS A 61 -22.91 23.60 -0.68
C HIS A 61 -23.45 23.97 -2.07
N LYS A 62 -24.37 23.14 -2.61
CA LYS A 62 -24.91 23.32 -3.98
C LYS A 62 -25.60 24.71 -4.17
N PRO A 63 -25.57 25.30 -5.43
CA PRO A 63 -26.19 26.62 -5.73
C PRO A 63 -27.71 26.68 -5.39
N ARG A 64 -28.16 27.85 -4.92
CA ARG A 64 -29.50 28.05 -4.36
C ARG A 64 -30.54 28.30 -5.47
#